data_5W4C
#
_entry.id   5W4C
#
_cell.length_a   86.140
_cell.length_b   108.828
_cell.length_c   70.354
_cell.angle_alpha   90.00
_cell.angle_beta   90.00
_cell.angle_gamma   90.00
#
_symmetry.space_group_name_H-M   'P 21 21 21'
#
loop_
_entity.id
_entity.type
_entity.pdbx_description
1 polymer 'Thioredoxin reductase'
2 non-polymer 'FLAVIN-ADENINE DINUCLEOTIDE'
3 non-polymer GLYCEROL
4 non-polymer DI(HYDROXYETHYL)ETHER
5 non-polymer 'CALCIUM ION'
6 non-polymer 'ACETATE ION'
7 water water
#
_entity_poly.entity_id   1
_entity_poly.type   'polypeptide(L)'
_entity_poly.pdbx_seq_one_letter_code
;MSPIANGHPHGSSFGVREPKRTGEVSKKMHSKVVIIGSGPGGHTAAIYLARANLEPVLYEGMLANGFAPGGQLTTTTDVE
NFPGFPEGVTGTEMMDKFRAQSERFGTKIITETVARVDLSVRPFKYWTEGEEEEHEFMTADTIILATGASAKRLFLPGEE
TYWQSGISACAVCDGAVPIFRQKPLAVIGGGDSAAEEATYLTKYGSHVYVLVRRDELRASKIMAKRLTSHPKVTVLWNTV
ATEAKGDGEVLTSLTIKNTKTGETGDLPVNGLFYAIGHEPATSLVKSQVELDSDGYIKTVPGTSQTSVHGVFAAGDVQDK
KYRQAITSAGSGCIAALEAERLISEEEADDESLQTEDVHVPAEHYLGTDKE
;
_entity_poly.pdbx_strand_id   A,B
#
loop_
_chem_comp.id
_chem_comp.type
_chem_comp.name
_chem_comp.formula
ACT non-polymer 'ACETATE ION' 'C2 H3 O2 -1'
CA non-polymer 'CALCIUM ION' 'Ca 2'
FAD non-polymer 'FLAVIN-ADENINE DINUCLEOTIDE' 'C27 H33 N9 O15 P2'
GOL non-polymer GLYCEROL 'C3 H8 O3'
PEG non-polymer DI(HYDROXYETHYL)ETHER 'C4 H10 O3'
#
# COMPACT_ATOMS: atom_id res chain seq x y z
N PHE A 14 -6.19 3.86 21.14
CA PHE A 14 -6.55 5.27 21.30
C PHE A 14 -7.96 5.53 20.78
N GLY A 15 -8.52 6.69 21.12
CA GLY A 15 -9.84 7.07 20.66
C GLY A 15 -9.75 8.12 19.57
N VAL A 16 -10.85 8.30 18.84
CA VAL A 16 -10.93 9.28 17.76
C VAL A 16 -11.81 10.44 18.23
N ARG A 17 -11.19 11.60 18.43
CA ARG A 17 -11.95 12.79 18.78
C ARG A 17 -12.68 13.31 17.55
N GLU A 18 -13.94 13.70 17.75
CA GLU A 18 -14.75 14.21 16.66
C GLU A 18 -14.83 15.71 16.82
N PRO A 19 -14.18 16.51 15.96
CA PRO A 19 -14.22 17.96 16.15
C PRO A 19 -15.60 18.49 15.81
N LYS A 20 -16.04 19.50 16.57
CA LYS A 20 -17.26 20.20 16.19
C LYS A 20 -17.05 20.88 14.84
N ARG A 21 -18.09 20.87 14.02
CA ARG A 21 -17.99 21.43 12.67
C ARG A 21 -18.48 22.86 12.65
N THR A 22 -18.02 23.62 13.64
CA THR A 22 -18.49 24.96 13.93
C THR A 22 -17.49 26.04 13.56
N GLY A 23 -16.37 25.70 12.90
CA GLY A 23 -15.38 26.69 12.55
C GLY A 23 -15.76 27.52 11.32
N GLU A 24 -15.17 28.70 11.22
CA GLU A 24 -15.44 29.55 10.07
C GLU A 24 -14.73 29.03 8.83
N VAL A 25 -15.30 29.33 7.68
CA VAL A 25 -14.72 28.99 6.39
C VAL A 25 -13.79 30.12 5.97
N SER A 26 -12.63 29.78 5.44
CA SER A 26 -11.71 30.81 5.00
C SER A 26 -12.21 31.47 3.73
N LYS A 27 -12.27 32.79 3.74
CA LYS A 27 -12.51 33.53 2.51
C LYS A 27 -11.28 33.58 1.62
N LYS A 28 -10.09 33.31 2.17
CA LYS A 28 -8.89 33.29 1.35
C LYS A 28 -8.82 32.03 0.49
N MET A 29 -8.97 30.86 1.10
CA MET A 29 -9.08 29.63 0.34
C MET A 29 -9.67 28.55 1.23
N HIS A 30 -10.69 27.86 0.72
CA HIS A 30 -11.28 26.69 1.34
C HIS A 30 -11.15 25.50 0.41
N SER A 31 -10.78 24.35 0.98
CA SER A 31 -10.65 23.13 0.21
C SER A 31 -11.33 21.97 0.94
N LYS A 32 -11.81 21.01 0.17
CA LYS A 32 -12.40 19.82 0.79
C LYS A 32 -11.32 18.90 1.35
N VAL A 33 -10.14 18.90 0.73
CA VAL A 33 -9.04 18.04 1.16
C VAL A 33 -7.72 18.75 0.85
N VAL A 34 -6.86 18.85 1.86
CA VAL A 34 -5.54 19.42 1.70
C VAL A 34 -4.52 18.33 2.03
N ILE A 35 -3.54 18.16 1.16
CA ILE A 35 -2.46 17.20 1.38
C ILE A 35 -1.20 17.97 1.78
N ILE A 36 -0.57 17.59 2.89
CA ILE A 36 0.67 18.21 3.33
C ILE A 36 1.81 17.22 3.13
N GLY A 37 2.69 17.50 2.16
CA GLY A 37 3.84 16.65 1.90
C GLY A 37 3.87 16.13 0.48
N SER A 38 5.07 15.93 -0.09
CA SER A 38 5.21 15.68 -1.52
C SER A 38 6.07 14.47 -1.83
N GLY A 39 6.12 13.49 -0.94
CA GLY A 39 6.76 12.25 -1.25
C GLY A 39 5.78 11.31 -1.92
N PRO A 40 6.17 10.04 -2.03
CA PRO A 40 5.29 9.05 -2.68
C PRO A 40 3.92 8.96 -2.01
N GLY A 41 3.87 9.15 -0.69
CA GLY A 41 2.61 9.15 0.03
C GLY A 41 1.66 10.25 -0.41
N GLY A 42 2.12 11.50 -0.37
CA GLY A 42 1.24 12.62 -0.70
C GLY A 42 0.81 12.65 -2.16
N HIS A 43 1.72 12.33 -3.08
CA HIS A 43 1.35 12.38 -4.50
C HIS A 43 0.37 11.29 -4.90
N THR A 44 0.46 10.11 -4.28
CA THR A 44 -0.51 9.06 -4.59
C THR A 44 -1.89 9.44 -4.08
N ALA A 45 -1.95 10.03 -2.88
CA ALA A 45 -3.21 10.63 -2.41
C ALA A 45 -3.74 11.64 -3.41
N ALA A 46 -2.86 12.50 -3.93
CA ALA A 46 -3.32 13.54 -4.84
C ALA A 46 -3.86 12.94 -6.14
N ILE A 47 -3.13 11.98 -6.71
CA ILE A 47 -3.59 11.31 -7.93
C ILE A 47 -5.01 10.80 -7.75
N TYR A 48 -5.26 10.11 -6.64
CA TYR A 48 -6.58 9.52 -6.42
C TYR A 48 -7.64 10.59 -6.21
N LEU A 49 -7.35 11.59 -5.39
CA LEU A 49 -8.34 12.65 -5.14
C LEU A 49 -8.56 13.52 -6.37
N ALA A 50 -7.49 13.83 -7.11
CA ALA A 50 -7.67 14.61 -8.33
C ALA A 50 -8.53 13.85 -9.35
N ARG A 51 -8.27 12.55 -9.54
CA ARG A 51 -9.12 11.80 -10.46
C ARG A 51 -10.56 11.72 -9.97
N ALA A 52 -10.78 11.81 -8.66
CA ALA A 52 -12.13 11.83 -8.10
C ALA A 52 -12.79 13.20 -8.22
N ASN A 53 -12.13 14.13 -8.91
CA ASN A 53 -12.60 15.50 -9.11
C ASN A 53 -12.81 16.23 -7.79
N LEU A 54 -12.07 15.85 -6.76
CA LEU A 54 -12.20 16.52 -5.48
C LEU A 54 -11.32 17.75 -5.38
N GLU A 55 -10.60 18.09 -6.45
CA GLU A 55 -9.72 19.24 -6.49
C GLU A 55 -8.74 19.33 -5.30
N PRO A 56 -7.92 18.31 -5.09
CA PRO A 56 -7.01 18.36 -3.93
C PRO A 56 -6.00 19.49 -4.07
N VAL A 57 -5.65 20.08 -2.93
CA VAL A 57 -4.52 21.01 -2.83
C VAL A 57 -3.38 20.27 -2.12
N LEU A 58 -2.20 20.23 -2.74
CA LEU A 58 -1.05 19.57 -2.15
C LEU A 58 0.04 20.60 -1.89
N TYR A 59 0.51 20.66 -0.64
CA TYR A 59 1.63 21.53 -0.29
C TYR A 59 2.90 20.71 -0.34
N GLU A 60 3.81 21.10 -1.22
CA GLU A 60 5.00 20.29 -1.45
C GLU A 60 6.20 20.83 -0.69
N GLY A 61 6.08 21.96 -0.05
CA GLY A 61 7.17 22.46 0.77
C GLY A 61 8.07 23.40 0.01
N MET A 62 8.69 24.30 0.76
CA MET A 62 9.79 25.13 0.29
C MET A 62 11.02 24.68 1.08
N LEU A 63 11.65 23.62 0.60
CA LEU A 63 12.66 22.92 1.39
C LEU A 63 12.10 22.55 2.77
N ALA A 64 10.84 22.11 2.80
CA ALA A 64 10.23 21.78 4.08
C ALA A 64 11.01 20.66 4.77
N ASN A 65 11.34 20.87 6.05
CA ASN A 65 12.08 19.89 6.84
C ASN A 65 13.43 19.52 6.21
N GLY A 66 13.97 20.39 5.35
CA GLY A 66 15.25 20.14 4.72
C GLY A 66 15.20 19.41 3.39
N PHE A 67 14.02 18.97 2.92
CA PHE A 67 13.93 18.22 1.68
C PHE A 67 13.31 19.06 0.59
N ALA A 68 13.84 18.94 -0.63
CA ALA A 68 13.17 19.47 -1.80
C ALA A 68 11.79 18.82 -1.94
N PRO A 69 10.87 19.47 -2.66
CA PRO A 69 9.65 18.76 -3.08
C PRO A 69 10.00 17.42 -3.67
N GLY A 70 9.25 16.38 -3.30
CA GLY A 70 9.53 15.03 -3.73
C GLY A 70 10.07 14.11 -2.65
N GLY A 71 10.63 14.66 -1.58
CA GLY A 71 10.85 13.85 -0.38
C GLY A 71 12.18 13.14 -0.37
N GLN A 72 12.22 12.08 0.45
CA GLN A 72 13.49 11.37 0.71
C GLN A 72 14.10 10.78 -0.55
N LEU A 73 13.27 10.38 -1.52
CA LEU A 73 13.79 9.77 -2.74
C LEU A 73 14.65 10.73 -3.55
N THR A 74 14.48 12.04 -3.37
CA THR A 74 15.38 12.97 -4.04
C THR A 74 16.75 13.03 -3.38
N THR A 75 16.97 12.27 -2.30
CA THR A 75 18.33 12.15 -1.76
C THR A 75 18.97 10.80 -2.04
N THR A 76 18.36 9.96 -2.87
CA THR A 76 19.00 8.71 -3.27
C THR A 76 19.25 8.71 -4.77
N THR A 77 19.88 7.65 -5.25
CA THR A 77 20.09 7.53 -6.68
C THR A 77 19.11 6.52 -7.30
N ASP A 78 19.60 5.37 -7.72
CA ASP A 78 18.73 4.40 -8.38
C ASP A 78 17.78 3.75 -7.39
N VAL A 79 16.54 3.60 -7.81
CA VAL A 79 15.55 2.82 -7.07
C VAL A 79 15.22 1.58 -7.87
N GLU A 80 15.30 0.41 -7.23
CA GLU A 80 15.17 -0.84 -7.95
C GLU A 80 14.07 -1.75 -7.41
N ASN A 81 13.49 -1.43 -6.26
CA ASN A 81 12.41 -2.19 -5.66
C ASN A 81 11.04 -1.51 -5.75
N PHE A 82 10.91 -0.44 -6.55
CA PHE A 82 9.57 0.07 -6.86
C PHE A 82 9.05 -0.59 -8.11
N PRO A 83 7.97 -1.37 -8.03
CA PRO A 83 7.58 -2.23 -9.15
C PRO A 83 7.07 -1.41 -10.33
N GLY A 84 7.29 -1.97 -11.53
CA GLY A 84 6.98 -1.27 -12.76
C GLY A 84 8.18 -0.67 -13.44
N PHE A 85 9.37 -0.80 -12.86
CA PHE A 85 10.60 -0.26 -13.42
C PHE A 85 11.64 -1.38 -13.43
N PRO A 86 11.55 -2.31 -14.39
CA PRO A 86 12.47 -3.46 -14.40
C PRO A 86 13.92 -3.08 -14.62
N GLU A 87 14.23 -1.93 -15.19
CA GLU A 87 15.62 -1.52 -15.35
C GLU A 87 16.01 -0.46 -14.33
N GLY A 88 15.20 -0.24 -13.31
CA GLY A 88 15.50 0.77 -12.32
C GLY A 88 15.13 2.17 -12.80
N VAL A 89 15.03 3.07 -11.83
CA VAL A 89 14.73 4.47 -12.07
C VAL A 89 15.37 5.26 -10.93
N THR A 90 15.98 6.40 -11.24
CA THR A 90 16.48 7.26 -10.18
C THR A 90 15.33 7.82 -9.33
N GLY A 91 15.62 8.03 -8.04
CA GLY A 91 14.65 8.66 -7.17
C GLY A 91 14.17 10.00 -7.69
N THR A 92 15.05 10.74 -8.37
CA THR A 92 14.65 12.03 -8.92
C THR A 92 13.61 11.87 -10.03
N GLU A 93 13.88 10.99 -11.00
CA GLU A 93 12.96 10.75 -12.10
C GLU A 93 11.63 10.21 -11.59
N MET A 94 11.68 9.31 -10.61
CA MET A 94 10.45 8.71 -10.13
C MET A 94 9.52 9.78 -9.56
N MET A 95 10.09 10.73 -8.81
CA MET A 95 9.26 11.72 -8.15
C MET A 95 8.83 12.82 -9.12
N ASP A 96 9.61 13.06 -10.18
CA ASP A 96 9.09 13.85 -11.30
C ASP A 96 7.88 13.18 -11.92
N LYS A 97 7.94 11.86 -12.09
CA LYS A 97 6.80 11.14 -12.65
C LYS A 97 5.58 11.29 -11.76
N PHE A 98 5.75 11.07 -10.44
CA PHE A 98 4.66 11.22 -9.50
C PHE A 98 4.03 12.60 -9.60
N ARG A 99 4.87 13.65 -9.57
CA ARG A 99 4.37 15.01 -9.58
C ARG A 99 3.63 15.32 -10.87
N ALA A 100 4.12 14.80 -12.00
CA ALA A 100 3.45 15.04 -13.29
C ALA A 100 2.08 14.38 -13.32
N GLN A 101 1.98 13.17 -12.77
CA GLN A 101 0.72 12.43 -12.70
C GLN A 101 -0.28 13.16 -11.80
N SER A 102 0.18 13.60 -10.62
CA SER A 102 -0.66 14.41 -9.74
C SER A 102 -1.18 15.65 -10.45
N GLU A 103 -0.27 16.37 -11.11
CA GLU A 103 -0.66 17.60 -11.80
C GLU A 103 -1.61 17.32 -12.95
N ARG A 104 -1.31 16.29 -13.74
CA ARG A 104 -2.09 16.00 -14.94
C ARG A 104 -3.58 15.90 -14.62
N PHE A 105 -3.93 15.28 -13.50
CA PHE A 105 -5.34 15.08 -13.21
C PHE A 105 -5.96 16.24 -12.44
N GLY A 106 -5.23 17.33 -12.27
CA GLY A 106 -5.80 18.53 -11.69
C GLY A 106 -5.49 18.80 -10.23
N THR A 107 -4.48 18.16 -9.65
CA THR A 107 -4.02 18.57 -8.34
C THR A 107 -3.52 20.01 -8.43
N LYS A 108 -3.91 20.82 -7.46
CA LYS A 108 -3.32 22.15 -7.27
C LYS A 108 -2.06 22.00 -6.39
N ILE A 109 -0.89 22.01 -6.99
CA ILE A 109 0.36 21.79 -6.27
C ILE A 109 0.96 23.14 -5.90
N ILE A 110 1.13 23.40 -4.60
CA ILE A 110 1.61 24.68 -4.13
C ILE A 110 2.97 24.50 -3.49
N THR A 111 3.98 25.19 -4.03
CA THR A 111 5.35 25.09 -3.52
C THR A 111 5.49 25.98 -2.29
N GLU A 112 4.88 25.53 -1.20
CA GLU A 112 4.92 26.27 0.05
C GLU A 112 4.98 25.27 1.19
N THR A 113 5.63 25.68 2.27
CA THR A 113 5.64 24.93 3.51
C THR A 113 4.42 25.34 4.32
N VAL A 114 3.67 24.35 4.82
CA VAL A 114 2.62 24.59 5.79
C VAL A 114 3.26 24.81 7.16
N ALA A 115 3.03 26.00 7.73
CA ALA A 115 3.72 26.39 8.97
C ALA A 115 2.94 26.02 10.24
N ARG A 116 1.62 25.92 10.16
CA ARG A 116 0.81 25.73 11.35
C ARG A 116 -0.56 25.21 10.96
N VAL A 117 -1.08 24.25 11.72
CA VAL A 117 -2.46 23.77 11.56
C VAL A 117 -3.15 23.86 12.92
N ASP A 118 -4.47 24.07 12.89
CA ASP A 118 -5.30 24.08 14.09
C ASP A 118 -6.39 23.03 13.92
N LEU A 119 -6.27 21.92 14.63
CA LEU A 119 -7.21 20.80 14.50
C LEU A 119 -8.40 20.89 15.44
N SER A 120 -8.56 22.01 16.16
CA SER A 120 -9.57 22.07 17.22
C SER A 120 -10.98 21.88 16.66
N VAL A 121 -11.35 22.65 15.63
CA VAL A 121 -12.68 22.57 15.03
C VAL A 121 -12.55 22.40 13.53
N ARG A 122 -13.63 21.92 12.94
CA ARG A 122 -13.71 21.73 11.51
C ARG A 122 -14.59 22.80 10.90
N PRO A 123 -14.27 23.28 9.69
CA PRO A 123 -13.10 22.89 8.87
C PRO A 123 -11.76 23.35 9.47
N PHE A 124 -10.71 22.54 9.28
CA PHE A 124 -9.43 22.81 9.93
C PHE A 124 -8.81 24.08 9.36
N LYS A 125 -8.14 24.82 10.22
CA LYS A 125 -7.40 26.01 9.82
C LYS A 125 -5.93 25.64 9.61
N TYR A 126 -5.33 26.21 8.58
CA TYR A 126 -3.88 26.07 8.40
C TYR A 126 -3.31 27.37 7.85
N TRP A 127 -1.99 27.53 8.01
CA TRP A 127 -1.26 28.71 7.56
C TRP A 127 0.02 28.26 6.87
N THR A 128 0.32 28.89 5.73
CA THR A 128 1.60 28.67 5.05
C THR A 128 2.65 29.62 5.61
N GLU A 129 3.90 29.19 5.48
CA GLU A 129 5.05 29.96 5.92
C GLU A 129 5.05 31.34 5.27
N GLY A 130 5.14 32.38 6.09
CA GLY A 130 5.08 33.74 5.62
C GLY A 130 3.69 34.36 5.56
N GLU A 131 2.64 33.54 5.60
CA GLU A 131 1.28 34.04 5.64
C GLU A 131 0.64 33.56 6.95
N GLU A 132 1.23 33.91 8.09
CA GLU A 132 0.92 33.29 9.36
C GLU A 132 0.15 34.19 10.33
N GLU A 133 -0.27 35.39 9.91
CA GLU A 133 -1.18 36.16 10.73
C GLU A 133 -2.50 35.41 10.91
N GLU A 134 -3.19 35.74 12.00
CA GLU A 134 -4.42 35.02 12.38
C GLU A 134 -5.47 35.08 11.27
N HIS A 135 -5.65 36.24 10.65
CA HIS A 135 -6.66 36.42 9.61
C HIS A 135 -6.25 35.86 8.25
N GLU A 136 -5.06 35.27 8.09
CA GLU A 136 -4.68 34.68 6.82
C GLU A 136 -4.91 33.18 6.75
N PHE A 137 -5.69 32.62 7.68
CA PHE A 137 -5.88 31.17 7.68
C PHE A 137 -6.63 30.72 6.43
N MET A 138 -6.36 29.48 6.04
CA MET A 138 -7.10 28.79 5.01
C MET A 138 -7.75 27.60 5.68
N THR A 139 -8.78 27.02 5.07
CA THR A 139 -9.47 25.93 5.74
C THR A 139 -9.54 24.71 4.85
N ALA A 140 -9.72 23.57 5.50
CA ALA A 140 -9.72 22.27 4.86
C ALA A 140 -10.72 21.39 5.59
N ASP A 141 -11.66 20.76 4.86
CA ASP A 141 -12.60 19.90 5.53
C ASP A 141 -11.92 18.64 6.04
N THR A 142 -10.89 18.20 5.33
CA THR A 142 -10.08 17.05 5.70
C THR A 142 -8.63 17.37 5.32
N ILE A 143 -7.70 16.80 6.08
CA ILE A 143 -6.26 16.98 5.88
C ILE A 143 -5.63 15.60 5.84
N ILE A 144 -4.75 15.39 4.88
CA ILE A 144 -3.95 14.17 4.81
C ILE A 144 -2.52 14.60 5.14
N LEU A 145 -1.99 14.08 6.25
CA LEU A 145 -0.64 14.39 6.67
C LEU A 145 0.30 13.37 6.03
N ALA A 146 1.19 13.85 5.18
CA ALA A 146 2.14 12.97 4.49
C ALA A 146 3.53 13.61 4.53
N THR A 147 3.93 14.06 5.72
CA THR A 147 5.10 14.91 5.86
C THR A 147 6.41 14.16 5.93
N GLY A 148 6.38 12.83 6.01
CA GLY A 148 7.60 12.05 5.88
C GLY A 148 8.40 11.92 7.17
N ALA A 149 9.70 11.69 6.99
CA ALA A 149 10.63 11.44 8.09
C ALA A 149 12.04 11.72 7.60
N SER A 150 12.97 11.79 8.57
CA SER A 150 14.39 11.90 8.26
C SER A 150 15.18 10.95 9.15
N ALA A 151 16.33 10.50 8.65
CA ALA A 151 17.15 9.57 9.43
C ALA A 151 17.80 10.30 10.59
N LYS A 152 17.83 9.64 11.75
CA LYS A 152 18.41 10.25 12.93
C LYS A 152 19.94 10.25 12.82
N ARG A 153 20.54 11.41 13.06
CA ARG A 153 21.99 11.59 13.16
C ARG A 153 22.33 12.12 14.56
N LEU A 154 23.62 12.06 14.92
CA LEU A 154 24.09 12.58 16.19
C LEU A 154 24.81 13.91 16.07
N PHE A 155 25.14 14.34 14.85
CA PHE A 155 25.83 15.60 14.60
C PHE A 155 27.09 15.73 15.45
N LEU A 156 27.99 14.78 15.25
CA LEU A 156 29.26 14.77 15.95
C LEU A 156 30.14 15.92 15.48
N PRO A 157 30.99 16.46 16.35
CA PRO A 157 32.06 17.33 15.87
C PRO A 157 32.82 16.68 14.73
N GLY A 158 32.78 17.31 13.56
CA GLY A 158 33.33 16.77 12.34
C GLY A 158 32.29 16.20 11.40
N GLU A 159 31.10 15.87 11.90
CA GLU A 159 30.07 15.27 11.06
C GLU A 159 29.66 16.19 9.93
N GLU A 160 29.59 17.50 10.20
CA GLU A 160 29.26 18.46 9.15
C GLU A 160 30.20 18.31 7.96
N THR A 161 31.47 18.01 8.23
CA THR A 161 32.45 17.89 7.16
C THR A 161 32.26 16.60 6.37
N TYR A 162 32.07 15.47 7.06
CA TYR A 162 32.14 14.16 6.41
C TYR A 162 30.77 13.53 6.18
N TRP A 163 29.69 14.24 6.46
CA TRP A 163 28.38 13.74 6.06
C TRP A 163 28.33 13.56 4.55
N GLN A 164 27.90 12.38 4.13
CA GLN A 164 27.92 11.93 2.74
C GLN A 164 29.31 11.91 2.14
N SER A 165 30.33 12.06 2.97
CA SER A 165 31.72 11.89 2.59
C SER A 165 32.37 10.87 3.52
N GLY A 166 31.61 9.84 3.90
CA GLY A 166 32.11 8.80 4.78
C GLY A 166 31.08 8.43 5.82
N ILE A 167 30.27 9.40 6.21
CA ILE A 167 29.22 9.20 7.19
C ILE A 167 27.90 9.04 6.44
N SER A 168 27.16 7.99 6.77
CA SER A 168 25.93 7.65 6.09
C SER A 168 24.86 7.31 7.12
N ALA A 169 23.61 7.27 6.67
CA ALA A 169 22.50 6.80 7.49
C ALA A 169 21.68 5.73 6.77
N CYS A 170 22.21 5.15 5.71
CA CYS A 170 21.56 4.01 5.07
C CYS A 170 22.65 3.05 4.60
N ALA A 171 22.85 1.97 5.38
CA ALA A 171 23.92 1.02 5.09
C ALA A 171 23.62 0.23 3.82
N VAL A 172 22.36 -0.16 3.61
CA VAL A 172 22.03 -0.88 2.39
C VAL A 172 22.08 0.02 1.18
N CYS A 173 21.96 1.34 1.35
CA CYS A 173 22.09 2.25 0.22
C CYS A 173 23.53 2.49 -0.18
N ASP A 174 24.42 2.63 0.80
CA ASP A 174 25.76 3.12 0.54
C ASP A 174 26.82 2.04 0.70
N GLY A 175 26.43 0.85 1.15
CA GLY A 175 27.42 -0.17 1.52
C GLY A 175 28.40 -0.48 0.42
N ALA A 176 27.90 -0.70 -0.80
CA ALA A 176 28.75 -1.12 -1.90
C ALA A 176 29.55 0.04 -2.50
N VAL A 177 29.39 1.25 -2.00
CA VAL A 177 30.12 2.38 -2.60
C VAL A 177 31.62 2.14 -2.48
N PRO A 178 32.41 2.38 -3.55
CA PRO A 178 33.84 2.02 -3.52
C PRO A 178 34.62 2.52 -2.32
N ILE A 179 34.21 3.62 -1.70
CA ILE A 179 34.95 4.23 -0.61
C ILE A 179 35.00 3.35 0.64
N PHE A 180 34.08 2.38 0.75
CA PHE A 180 34.03 1.49 1.90
C PHE A 180 34.65 0.12 1.64
N ARG A 181 34.99 -0.19 0.39
CA ARG A 181 35.30 -1.57 0.02
C ARG A 181 36.61 -2.02 0.65
N GLN A 182 36.53 -3.09 1.43
CA GLN A 182 37.68 -3.64 2.16
C GLN A 182 38.32 -2.60 3.09
N LYS A 183 37.49 -1.79 3.70
CA LYS A 183 37.92 -0.80 4.66
C LYS A 183 37.22 -1.06 5.99
N PRO A 184 37.83 -0.67 7.11
CA PRO A 184 37.12 -0.80 8.39
C PRO A 184 35.93 0.14 8.43
N LEU A 185 34.82 -0.35 8.98
CA LEU A 185 33.57 0.40 9.01
C LEU A 185 32.99 0.37 10.42
N ALA A 186 32.28 1.42 10.78
CA ALA A 186 31.60 1.48 12.07
C ALA A 186 30.10 1.61 11.85
N VAL A 187 29.33 0.93 12.70
CA VAL A 187 27.89 1.08 12.79
C VAL A 187 27.55 1.57 14.18
N ILE A 188 26.74 2.62 14.27
CA ILE A 188 26.23 3.13 15.55
C ILE A 188 24.77 2.74 15.66
N GLY A 189 24.46 1.99 16.70
CA GLY A 189 23.13 1.46 16.88
C GLY A 189 23.16 0.25 17.77
N GLY A 190 21.98 -0.12 18.27
CA GLY A 190 21.91 -1.24 19.16
C GLY A 190 20.67 -2.09 18.97
N GLY A 191 19.92 -1.81 17.91
CA GLY A 191 18.69 -2.52 17.62
C GLY A 191 18.85 -3.57 16.54
N ASP A 192 17.72 -4.14 16.13
CA ASP A 192 17.72 -5.02 14.97
C ASP A 192 18.23 -4.29 13.74
N SER A 193 17.99 -2.98 13.66
CA SER A 193 18.48 -2.20 12.53
C SER A 193 20.01 -2.30 12.42
N ALA A 194 20.70 -2.14 13.55
CA ALA A 194 22.17 -2.09 13.53
C ALA A 194 22.75 -3.47 13.23
N ALA A 195 22.31 -4.50 13.95
CA ALA A 195 22.81 -5.85 13.72
C ALA A 195 22.50 -6.32 12.31
N GLU A 196 21.39 -5.90 11.73
CA GLU A 196 21.10 -6.23 10.34
C GLU A 196 22.04 -5.46 9.41
N GLU A 197 22.16 -4.14 9.62
CA GLU A 197 23.01 -3.36 8.74
C GLU A 197 24.47 -3.76 8.90
N ALA A 198 24.89 -4.11 10.11
CA ALA A 198 26.27 -4.54 10.30
C ALA A 198 26.57 -5.82 9.54
N THR A 199 25.65 -6.78 9.58
CA THR A 199 25.87 -8.04 8.88
C THR A 199 26.00 -7.80 7.38
N TYR A 200 25.15 -6.94 6.84
CA TYR A 200 25.20 -6.58 5.44
C TYR A 200 26.53 -5.92 5.08
N LEU A 201 27.02 -5.01 5.94
CA LEU A 201 28.26 -4.29 5.65
C LEU A 201 29.47 -5.21 5.61
N THR A 202 29.39 -6.40 6.23
CA THR A 202 30.50 -7.34 6.12
C THR A 202 30.63 -7.92 4.71
N LYS A 203 29.68 -7.67 3.82
CA LYS A 203 29.90 -8.03 2.43
C LYS A 203 30.96 -7.16 1.78
N TYR A 204 31.16 -5.93 2.29
CA TYR A 204 31.99 -4.94 1.61
C TYR A 204 33.19 -4.49 2.41
N GLY A 205 33.00 -4.12 3.67
CA GLY A 205 34.11 -3.64 4.47
C GLY A 205 35.12 -4.74 4.78
N SER A 206 36.32 -4.34 5.17
CA SER A 206 37.25 -5.34 5.70
C SER A 206 36.86 -5.76 7.11
N HIS A 207 36.19 -4.88 7.86
CA HIS A 207 35.83 -5.15 9.24
C HIS A 207 34.74 -4.16 9.62
N VAL A 208 33.79 -4.59 10.44
CA VAL A 208 32.67 -3.76 10.86
C VAL A 208 32.68 -3.70 12.39
N TYR A 209 32.91 -2.50 12.95
CA TYR A 209 32.72 -2.26 14.37
C TYR A 209 31.31 -1.76 14.64
N VAL A 210 30.64 -2.37 15.62
CA VAL A 210 29.30 -1.95 16.04
C VAL A 210 29.43 -1.25 17.38
N LEU A 211 29.14 0.05 17.42
CA LEU A 211 29.21 0.81 18.67
C LEU A 211 27.83 0.79 19.31
N VAL A 212 27.74 0.16 20.48
CA VAL A 212 26.51 0.05 21.24
C VAL A 212 26.66 0.84 22.53
N ARG A 213 25.74 1.78 22.77
CA ARG A 213 25.78 2.58 23.99
C ARG A 213 25.64 1.70 25.23
N ARG A 214 24.88 0.62 25.14
CA ARG A 214 24.59 -0.25 26.27
C ARG A 214 25.46 -1.50 26.23
N ASP A 215 25.36 -2.30 27.29
CA ASP A 215 26.09 -3.56 27.37
C ASP A 215 25.31 -4.73 26.81
N GLU A 216 24.08 -4.51 26.36
CA GLU A 216 23.22 -5.61 25.91
C GLU A 216 22.50 -5.18 24.64
N LEU A 217 21.43 -5.91 24.33
CA LEU A 217 20.90 -6.02 22.98
C LEU A 217 19.45 -5.56 22.93
N ARG A 218 19.08 -4.92 21.84
CA ARG A 218 17.68 -4.82 21.46
C ARG A 218 17.28 -5.96 20.55
N ALA A 219 18.17 -6.34 19.63
CA ALA A 219 17.92 -7.45 18.72
C ALA A 219 17.90 -8.77 19.48
N SER A 220 17.18 -9.74 18.92
CA SER A 220 16.99 -11.05 19.55
C SER A 220 18.31 -11.64 20.00
N LYS A 221 18.38 -11.99 21.29
CA LYS A 221 19.64 -12.33 21.94
C LYS A 221 20.41 -13.44 21.22
N ILE A 222 19.75 -14.24 20.40
CA ILE A 222 20.46 -15.24 19.63
C ILE A 222 21.05 -14.61 18.37
N MET A 223 20.42 -13.58 17.83
CA MET A 223 20.88 -12.98 16.59
C MET A 223 22.19 -12.24 16.77
N ALA A 224 22.27 -11.37 17.78
CA ALA A 224 23.53 -10.69 18.03
C ALA A 224 24.59 -11.63 18.59
N LYS A 225 24.20 -12.81 19.03
CA LYS A 225 25.19 -13.86 19.25
C LYS A 225 25.86 -14.23 17.94
N ARG A 226 25.11 -14.17 16.83
CA ARG A 226 25.72 -14.37 15.52
C ARG A 226 26.58 -13.18 15.12
N LEU A 227 26.29 -11.99 15.66
CA LEU A 227 27.18 -10.85 15.45
C LEU A 227 28.56 -11.11 16.00
N THR A 228 28.63 -11.41 17.31
CA THR A 228 29.91 -11.63 17.97
C THR A 228 30.70 -12.74 17.30
N SER A 229 30.04 -13.85 16.96
CA SER A 229 30.73 -15.00 16.38
C SER A 229 31.38 -14.67 15.05
N HIS A 230 31.02 -13.57 14.43
CA HIS A 230 31.49 -13.27 13.09
C HIS A 230 32.93 -12.75 13.13
N PRO A 231 33.82 -13.28 12.28
CA PRO A 231 35.23 -12.85 12.31
C PRO A 231 35.46 -11.46 11.77
N LYS A 232 34.55 -10.92 10.96
CA LYS A 232 34.66 -9.57 10.45
C LYS A 232 33.91 -8.55 11.29
N VAL A 233 33.43 -8.92 12.47
CA VAL A 233 32.57 -8.05 13.26
C VAL A 233 33.09 -7.98 14.69
N THR A 234 33.24 -6.76 15.20
CA THR A 234 33.57 -6.52 16.59
C THR A 234 32.48 -5.66 17.19
N VAL A 235 31.78 -6.20 18.18
CA VAL A 235 30.79 -5.43 18.92
C VAL A 235 31.51 -4.75 20.08
N LEU A 236 31.46 -3.42 20.12
CA LEU A 236 32.04 -2.65 21.19
C LEU A 236 30.92 -2.22 22.13
N TRP A 237 30.70 -2.98 23.18
CA TRP A 237 29.67 -2.62 24.15
C TRP A 237 30.10 -1.39 24.96
N ASN A 238 29.09 -0.70 25.51
CA ASN A 238 29.30 0.48 26.37
C ASN A 238 30.13 1.54 25.66
N THR A 239 30.08 1.57 24.33
CA THR A 239 30.97 2.40 23.54
C THR A 239 30.18 3.45 22.79
N VAL A 240 30.69 4.67 22.77
CA VAL A 240 30.07 5.75 22.00
C VAL A 240 31.13 6.47 21.19
N ALA A 241 30.69 7.08 20.11
CA ALA A 241 31.54 7.90 19.27
C ALA A 241 31.34 9.36 19.65
N THR A 242 32.46 10.09 19.77
CA THR A 242 32.43 11.46 20.26
C THR A 242 32.97 12.47 19.25
N GLU A 243 33.48 12.02 18.11
CA GLU A 243 34.06 12.91 17.11
C GLU A 243 34.32 12.13 15.84
N ALA A 244 34.17 12.82 14.71
CA ALA A 244 34.46 12.30 13.38
C ALA A 244 35.64 13.07 12.80
N LYS A 245 36.72 12.37 12.49
CA LYS A 245 37.92 12.97 11.93
C LYS A 245 38.16 12.45 10.51
N GLY A 246 39.02 13.16 9.79
CA GLY A 246 39.31 12.81 8.42
C GLY A 246 40.50 13.57 7.89
N ASP A 247 40.60 13.62 6.57
CA ASP A 247 41.76 14.19 5.89
C ASP A 247 41.40 15.29 4.90
N GLY A 248 40.15 15.77 4.92
CA GLY A 248 39.71 16.77 3.98
C GLY A 248 38.94 16.23 2.79
N GLU A 249 38.79 14.92 2.68
CA GLU A 249 38.03 14.34 1.59
C GLU A 249 37.12 13.21 2.07
N VAL A 250 37.61 12.40 3.00
CA VAL A 250 36.86 11.26 3.50
C VAL A 250 37.12 11.12 4.99
N LEU A 251 36.10 10.67 5.71
CA LEU A 251 36.26 10.19 7.08
C LEU A 251 37.40 9.18 7.16
N THR A 252 38.24 9.33 8.19
CA THR A 252 39.32 8.39 8.42
C THR A 252 39.36 7.79 9.82
N SER A 253 38.67 8.37 10.79
CA SER A 253 38.62 7.75 12.12
C SER A 253 37.47 8.34 12.93
N LEU A 254 37.09 7.59 13.96
CA LEU A 254 36.16 8.07 14.97
C LEU A 254 36.87 8.09 16.30
N THR A 255 36.67 9.15 17.08
CA THR A 255 37.01 9.08 18.49
C THR A 255 35.89 8.33 19.20
N ILE A 256 36.26 7.28 19.91
CA ILE A 256 35.31 6.44 20.61
C ILE A 256 35.68 6.39 22.08
N LYS A 257 34.70 6.06 22.91
CA LYS A 257 34.92 5.96 24.34
C LYS A 257 34.09 4.85 24.94
N ASN A 258 34.70 4.06 25.81
CA ASN A 258 33.96 3.12 26.64
C ASN A 258 33.47 3.87 27.88
N THR A 259 32.15 3.87 28.09
CA THR A 259 31.58 4.66 29.16
C THR A 259 31.61 3.95 30.50
N LYS A 260 31.93 2.67 30.54
CA LYS A 260 32.11 1.95 31.80
C LYS A 260 33.57 1.89 32.23
N THR A 261 34.49 1.62 31.30
CA THR A 261 35.89 1.54 31.64
C THR A 261 36.62 2.87 31.48
N GLY A 262 36.04 3.83 30.77
CA GLY A 262 36.71 5.09 30.49
C GLY A 262 37.68 5.05 29.33
N GLU A 263 37.97 3.87 28.77
CA GLU A 263 38.92 3.76 27.67
C GLU A 263 38.45 4.59 26.48
N THR A 264 39.36 5.42 25.96
CA THR A 264 39.05 6.27 24.82
C THR A 264 40.27 6.36 23.92
N GLY A 265 40.00 6.48 22.63
CA GLY A 265 41.05 6.49 21.63
C GLY A 265 40.43 6.63 20.25
N ASP A 266 41.29 6.66 19.25
CA ASP A 266 40.86 6.84 17.87
C ASP A 266 40.67 5.50 17.19
N LEU A 267 39.53 5.32 16.52
CA LEU A 267 39.20 4.11 15.78
C LEU A 267 39.18 4.44 14.30
N PRO A 268 40.24 4.17 13.56
CA PRO A 268 40.24 4.52 12.13
C PRO A 268 39.19 3.72 11.37
N VAL A 269 38.32 4.45 10.66
CA VAL A 269 37.30 3.87 9.81
C VAL A 269 37.11 4.83 8.64
N ASN A 270 36.91 4.27 7.44
CA ASN A 270 36.47 5.07 6.31
C ASN A 270 34.95 5.20 6.23
N GLY A 271 34.21 4.45 7.05
CA GLY A 271 32.77 4.53 7.00
C GLY A 271 32.11 4.55 8.36
N LEU A 272 31.11 5.41 8.53
CA LEU A 272 30.27 5.42 9.72
C LEU A 272 28.82 5.40 9.27
N PHE A 273 28.06 4.40 9.75
CA PHE A 273 26.67 4.22 9.34
C PHE A 273 25.78 4.36 10.57
N TYR A 274 24.96 5.41 10.58
CA TYR A 274 23.95 5.57 11.62
C TYR A 274 22.81 4.59 11.39
N ALA A 275 22.51 3.80 12.42
CA ALA A 275 21.34 2.92 12.44
C ALA A 275 20.58 3.13 13.76
N ILE A 276 20.16 4.38 13.98
CA ILE A 276 19.52 4.72 15.25
C ILE A 276 18.06 5.14 15.06
N GLY A 277 17.50 4.96 13.87
CA GLY A 277 16.10 5.19 13.62
C GLY A 277 15.85 6.44 12.77
N HIS A 278 14.58 6.82 12.71
CA HIS A 278 14.16 7.96 11.92
C HIS A 278 13.34 8.90 12.76
N GLU A 279 13.36 10.17 12.38
CA GLU A 279 12.59 11.20 13.08
C GLU A 279 11.39 11.58 12.22
N PRO A 280 10.17 11.20 12.61
CA PRO A 280 8.99 11.58 11.81
C PRO A 280 8.73 13.07 11.87
N ALA A 281 8.31 13.62 10.74
CA ALA A 281 8.09 15.07 10.59
C ALA A 281 6.71 15.43 11.14
N THR A 282 6.62 15.39 12.47
CA THR A 282 5.37 15.60 13.20
C THR A 282 5.22 16.98 13.81
N SER A 283 6.09 17.93 13.47
CA SER A 283 6.04 19.23 14.15
C SER A 283 4.68 19.91 14.00
N LEU A 284 3.99 19.73 12.87
CA LEU A 284 2.72 20.42 12.71
C LEU A 284 1.66 19.96 13.70
N VAL A 285 1.74 18.74 14.22
CA VAL A 285 0.60 18.18 14.94
C VAL A 285 0.97 17.59 16.30
N LYS A 286 2.14 17.96 16.84
CA LYS A 286 2.71 17.25 17.99
C LYS A 286 1.76 17.20 19.19
N SER A 287 1.10 18.30 19.49
CA SER A 287 0.17 18.36 20.59
C SER A 287 -1.28 18.16 20.17
N GLN A 288 -1.53 17.69 18.95
CA GLN A 288 -2.90 17.64 18.44
C GLN A 288 -3.34 16.29 17.92
N VAL A 289 -2.43 15.36 17.63
CA VAL A 289 -2.81 14.00 17.35
C VAL A 289 -1.98 13.10 18.26
N GLU A 290 -2.56 11.95 18.62
CA GLU A 290 -1.83 10.95 19.39
C GLU A 290 -0.60 10.47 18.62
N LEU A 291 0.53 10.41 19.31
CA LEU A 291 1.78 9.91 18.77
C LEU A 291 2.26 8.70 19.57
N ASP A 292 3.07 7.86 18.94
CA ASP A 292 3.60 6.70 19.64
C ASP A 292 4.89 7.09 20.39
N SER A 293 5.49 6.13 21.08
CA SER A 293 6.64 6.46 21.93
C SER A 293 7.80 7.02 21.12
N ASP A 294 7.92 6.65 19.84
CA ASP A 294 8.97 7.15 18.98
C ASP A 294 8.56 8.38 18.18
N GLY A 295 7.38 8.94 18.46
CA GLY A 295 6.95 10.17 17.81
C GLY A 295 6.19 9.98 16.53
N TYR A 296 5.89 8.75 16.12
CA TYR A 296 5.14 8.53 14.90
C TYR A 296 3.66 8.77 15.13
N ILE A 297 2.99 9.27 14.10
CA ILE A 297 1.54 9.44 14.18
C ILE A 297 0.89 8.08 14.27
N LYS A 298 0.06 7.90 15.28
CA LYS A 298 -0.70 6.66 15.44
C LYS A 298 -1.93 6.66 14.54
N THR A 299 -2.19 5.51 13.94
CA THR A 299 -3.32 5.30 13.05
C THR A 299 -4.06 4.04 13.47
N VAL A 300 -5.39 4.06 13.34
CA VAL A 300 -6.17 2.83 13.45
C VAL A 300 -5.47 1.80 12.58
N PRO A 301 -5.16 0.62 13.12
CA PRO A 301 -4.26 -0.30 12.40
C PRO A 301 -4.85 -0.72 11.07
N GLY A 302 -4.03 -0.63 10.02
CA GLY A 302 -4.49 -0.90 8.67
C GLY A 302 -5.33 0.20 8.07
N THR A 303 -5.03 1.46 8.42
CA THR A 303 -5.95 2.54 8.11
C THR A 303 -5.15 3.83 8.16
N SER A 304 -5.65 4.87 7.50
CA SER A 304 -5.01 6.17 7.54
C SER A 304 -5.52 7.07 8.66
N GLN A 305 -6.48 6.60 9.44
CA GLN A 305 -7.20 7.48 10.37
C GLN A 305 -6.37 7.80 11.60
N THR A 306 -6.15 9.09 11.85
CA THR A 306 -5.45 9.51 13.05
C THR A 306 -6.42 9.51 14.22
N SER A 307 -5.94 10.00 15.37
CA SER A 307 -6.79 10.20 16.54
C SER A 307 -7.74 11.37 16.39
N VAL A 308 -7.72 12.12 15.29
CA VAL A 308 -8.64 13.22 15.06
C VAL A 308 -9.45 12.89 13.80
N HIS A 309 -10.77 12.78 13.98
CA HIS A 309 -11.71 12.60 12.87
C HIS A 309 -11.48 13.67 11.79
N GLY A 310 -11.28 13.22 10.55
CA GLY A 310 -11.05 14.11 9.44
C GLY A 310 -9.60 14.38 9.12
N VAL A 311 -8.68 13.87 9.93
CA VAL A 311 -7.24 14.02 9.69
C VAL A 311 -6.71 12.62 9.44
N PHE A 312 -6.05 12.43 8.30
CA PHE A 312 -5.47 11.16 7.93
C PHE A 312 -3.97 11.33 7.76
N ALA A 313 -3.25 10.23 7.86
CA ALA A 313 -1.81 10.26 7.75
C ALA A 313 -1.36 9.15 6.82
N ALA A 314 -0.29 9.41 6.07
CA ALA A 314 0.20 8.44 5.12
C ALA A 314 1.71 8.56 5.04
N GLY A 315 2.35 7.47 4.67
CA GLY A 315 3.78 7.46 4.50
C GLY A 315 4.52 7.22 5.81
N ASP A 316 5.80 7.58 5.78
CA ASP A 316 6.70 7.30 6.89
C ASP A 316 6.28 8.00 8.16
N VAL A 317 5.56 9.12 8.07
CA VAL A 317 5.16 9.83 9.28
C VAL A 317 4.31 8.94 10.18
N GLN A 318 3.72 7.88 9.63
CA GLN A 318 2.90 6.96 10.41
C GLN A 318 3.35 5.53 10.21
N ASP A 319 4.57 5.32 9.72
CA ASP A 319 5.09 3.98 9.52
C ASP A 319 6.57 3.97 9.87
N LYS A 320 6.91 3.31 10.99
CA LYS A 320 8.31 3.11 11.37
C LYS A 320 8.82 1.71 11.05
N LYS A 321 7.95 0.83 10.55
CA LYS A 321 8.27 -0.59 10.39
C LYS A 321 8.78 -0.92 8.99
N TYR A 322 8.09 -0.46 7.93
CA TYR A 322 8.44 -0.89 6.57
C TYR A 322 9.26 0.14 5.81
N ARG A 323 8.79 1.39 5.76
CA ARG A 323 9.59 2.54 5.30
C ARG A 323 10.05 2.39 3.85
N GLN A 324 9.14 1.99 2.97
CA GLN A 324 9.45 1.92 1.55
C GLN A 324 8.62 2.94 0.78
N ALA A 325 9.10 3.30 -0.40
CA ALA A 325 8.29 4.10 -1.31
C ALA A 325 6.99 3.39 -1.66
N ILE A 326 7.05 2.07 -1.91
CA ILE A 326 5.86 1.39 -2.44
C ILE A 326 4.79 1.25 -1.36
N THR A 327 5.20 1.07 -0.09
CA THR A 327 4.24 1.07 1.01
C THR A 327 3.75 2.48 1.31
N SER A 328 4.63 3.48 1.22
CA SER A 328 4.19 4.87 1.38
C SER A 328 3.15 5.24 0.32
N ALA A 329 3.37 4.83 -0.93
CA ALA A 329 2.41 5.07 -2.01
C ALA A 329 1.08 4.39 -1.72
N GLY A 330 1.08 3.08 -1.43
CA GLY A 330 -0.16 2.40 -1.07
C GLY A 330 -0.88 3.09 0.07
N SER A 331 -0.12 3.50 1.09
CA SER A 331 -0.66 4.20 2.25
C SER A 331 -1.28 5.55 1.90
N GLY A 332 -0.72 6.28 0.92
CA GLY A 332 -1.34 7.51 0.50
C GLY A 332 -2.66 7.27 -0.24
N CYS A 333 -2.76 6.16 -0.95
CA CYS A 333 -4.01 5.80 -1.60
C CYS A 333 -5.09 5.54 -0.56
N ILE A 334 -4.75 4.81 0.50
CA ILE A 334 -5.72 4.58 1.57
C ILE A 334 -6.18 5.89 2.18
N ALA A 335 -5.24 6.81 2.45
CA ALA A 335 -5.63 8.13 2.96
C ALA A 335 -6.59 8.84 2.00
N ALA A 336 -6.29 8.84 0.70
CA ALA A 336 -7.20 9.46 -0.26
C ALA A 336 -8.59 8.82 -0.19
N LEU A 337 -8.63 7.49 -0.19
CA LEU A 337 -9.92 6.80 -0.22
C LEU A 337 -10.70 7.00 1.06
N GLU A 338 -10.03 7.14 2.21
CA GLU A 338 -10.77 7.34 3.46
C GLU A 338 -11.25 8.78 3.59
N ALA A 339 -10.45 9.75 3.13
CA ALA A 339 -10.87 11.14 3.16
C ALA A 339 -12.05 11.38 2.21
N GLU A 340 -11.98 10.81 1.00
CA GLU A 340 -13.07 10.96 0.06
C GLU A 340 -14.35 10.33 0.61
N ARG A 341 -14.22 9.18 1.29
CA ARG A 341 -15.42 8.54 1.84
C ARG A 341 -16.07 9.40 2.91
N LEU A 342 -15.27 10.02 3.79
CA LEU A 342 -15.82 10.95 4.77
C LEU A 342 -16.48 12.14 4.09
N ILE A 343 -15.79 12.73 3.11
CA ILE A 343 -16.35 13.84 2.35
C ILE A 343 -17.67 13.42 1.70
N SER A 344 -17.69 12.24 1.07
CA SER A 344 -18.95 11.73 0.50
C SER A 344 -20.01 11.56 1.56
N GLU A 345 -19.65 11.02 2.74
CA GLU A 345 -20.63 10.81 3.79
C GLU A 345 -21.28 12.13 4.22
N GLU A 346 -20.46 13.15 4.45
CA GLU A 346 -21.01 14.42 4.94
C GLU A 346 -21.77 15.17 3.86
N GLU A 347 -21.38 15.01 2.60
CA GLU A 347 -22.14 15.64 1.54
C GLU A 347 -23.48 14.96 1.33
N ALA A 348 -23.54 13.65 1.60
CA ALA A 348 -24.80 12.93 1.51
C ALA A 348 -25.76 13.36 2.61
N ASP A 349 -25.26 13.56 3.83
CA ASP A 349 -26.04 14.04 4.96
C ASP A 349 -26.42 15.51 4.88
N ASP A 350 -25.90 16.26 3.91
CA ASP A 350 -26.19 17.68 3.77
C ASP A 350 -27.47 17.83 2.95
N GLU A 351 -28.59 18.01 3.64
CA GLU A 351 -29.88 18.11 2.95
C GLU A 351 -29.97 19.34 2.06
N SER A 352 -29.12 20.35 2.28
CA SER A 352 -29.12 21.55 1.46
C SER A 352 -28.59 21.27 0.05
N LEU A 353 -27.60 20.40 -0.08
CA LEU A 353 -27.05 20.07 -1.39
C LEU A 353 -28.01 19.16 -2.15
N GLN A 354 -28.29 19.50 -3.41
CA GLN A 354 -29.11 18.65 -4.26
C GLN A 354 -28.37 17.35 -4.58
N THR A 355 -29.14 16.26 -4.68
CA THR A 355 -28.55 14.94 -4.86
C THR A 355 -27.58 14.91 -6.04
N GLU A 356 -27.97 15.53 -7.14
CA GLU A 356 -27.09 15.57 -8.31
C GLU A 356 -25.76 16.25 -8.00
N ASP A 357 -25.68 17.02 -6.91
CA ASP A 357 -24.47 17.75 -6.52
C ASP A 357 -23.65 17.03 -5.47
N VAL A 358 -24.13 15.90 -4.95
CA VAL A 358 -23.46 15.16 -3.87
C VAL A 358 -22.34 14.32 -4.46
N HIS A 359 -21.14 14.45 -3.89
CA HIS A 359 -20.03 13.63 -4.37
C HIS A 359 -20.21 12.18 -3.92
N VAL A 360 -20.02 11.25 -4.87
CA VAL A 360 -20.08 9.82 -4.58
C VAL A 360 -18.80 9.20 -5.11
N PRO A 361 -18.06 8.44 -4.29
CA PRO A 361 -16.84 7.80 -4.79
C PRO A 361 -17.14 6.87 -5.96
N ALA A 362 -16.11 6.65 -6.76
CA ALA A 362 -16.19 5.75 -7.90
C ALA A 362 -14.80 5.12 -8.07
N GLU A 363 -14.34 4.46 -7.01
CA GLU A 363 -12.96 4.00 -6.93
C GLU A 363 -12.78 2.50 -7.12
N HIS A 364 -13.85 1.71 -7.00
CA HIS A 364 -13.80 0.25 -7.15
C HIS A 364 -13.95 -0.17 -8.61
N TYR A 365 -13.70 -1.45 -8.85
CA TYR A 365 -13.76 -2.03 -10.20
C TYR A 365 -14.71 -3.23 -10.18
N LEU A 366 -14.40 -4.20 -9.33
CA LEU A 366 -15.32 -5.29 -9.00
C LEU A 366 -15.96 -5.00 -7.65
N GLY A 367 -17.26 -4.65 -7.67
CA GLY A 367 -17.96 -4.30 -6.44
C GLY A 367 -18.07 -5.46 -5.47
N THR A 368 -18.43 -5.13 -4.22
CA THR A 368 -18.42 -6.10 -3.13
C THR A 368 -19.76 -6.24 -2.41
N ASP A 369 -20.83 -5.63 -2.93
CA ASP A 369 -22.13 -5.72 -2.28
C ASP A 369 -22.57 -7.18 -2.14
N PHE B 14 -8.55 -13.29 16.36
CA PHE B 14 -8.11 -14.66 16.18
C PHE B 14 -6.74 -14.88 16.81
N GLY B 15 -6.45 -16.13 17.17
CA GLY B 15 -5.11 -16.51 17.54
C GLY B 15 -4.28 -16.92 16.32
N VAL B 16 -2.96 -16.83 16.47
CA VAL B 16 -2.03 -17.21 15.42
C VAL B 16 -1.50 -18.59 15.75
N ARG B 17 -1.97 -19.62 15.05
CA ARG B 17 -1.46 -20.96 15.29
C ARG B 17 -0.02 -21.07 14.79
N GLU B 18 0.80 -21.77 15.56
CA GLU B 18 2.21 -21.88 15.25
C GLU B 18 2.56 -23.33 14.91
N PRO B 19 2.77 -23.68 13.64
CA PRO B 19 2.93 -25.09 13.28
C PRO B 19 4.26 -25.64 13.74
N LYS B 20 4.25 -26.92 14.11
CA LYS B 20 5.49 -27.64 14.32
C LYS B 20 6.35 -27.61 13.06
N ARG B 21 7.66 -27.68 13.25
CA ARG B 21 8.62 -27.55 12.16
C ARG B 21 9.36 -28.86 11.92
N THR B 22 8.63 -29.96 12.02
CA THR B 22 9.20 -31.30 11.86
C THR B 22 8.69 -31.98 10.60
N GLY B 23 7.97 -31.25 9.75
CA GLY B 23 7.36 -31.87 8.59
C GLY B 23 8.39 -32.37 7.59
N GLU B 24 7.96 -33.34 6.80
CA GLU B 24 8.82 -33.88 5.75
C GLU B 24 9.19 -32.79 4.76
N VAL B 25 10.51 -32.69 4.48
CA VAL B 25 11.01 -31.80 3.43
C VAL B 25 10.86 -32.50 2.08
N SER B 26 10.42 -31.75 1.07
CA SER B 26 10.18 -32.33 -0.24
C SER B 26 11.49 -32.55 -0.99
N LYS B 27 11.57 -33.67 -1.69
CA LYS B 27 12.67 -33.95 -2.60
C LYS B 27 12.41 -33.49 -4.03
N LYS B 28 11.16 -33.21 -4.39
CA LYS B 28 10.89 -32.64 -5.71
C LYS B 28 11.36 -31.20 -5.77
N MET B 29 10.80 -30.35 -4.91
CA MET B 29 11.35 -29.01 -4.73
C MET B 29 11.07 -28.54 -3.33
N HIS B 30 12.04 -27.84 -2.74
CA HIS B 30 11.86 -27.19 -1.46
C HIS B 30 12.35 -25.75 -1.55
N SER B 31 11.60 -24.83 -0.96
CA SER B 31 11.94 -23.41 -1.04
C SER B 31 11.78 -22.75 0.32
N LYS B 32 12.54 -21.67 0.52
CA LYS B 32 12.38 -20.85 1.71
C LYS B 32 11.07 -20.07 1.69
N VAL B 33 10.64 -19.62 0.51
CA VAL B 33 9.42 -18.82 0.41
C VAL B 33 8.82 -19.06 -0.96
N VAL B 34 7.54 -19.42 -0.98
CA VAL B 34 6.76 -19.60 -2.21
C VAL B 34 5.65 -18.57 -2.20
N ILE B 35 5.52 -17.84 -3.31
CA ILE B 35 4.48 -16.84 -3.48
C ILE B 35 3.42 -17.45 -4.41
N ILE B 36 2.17 -17.47 -3.97
CA ILE B 36 1.09 -17.98 -4.81
C ILE B 36 0.30 -16.78 -5.31
N GLY B 37 0.42 -16.51 -6.61
CA GLY B 37 -0.36 -15.45 -7.25
C GLY B 37 0.55 -14.47 -7.95
N SER B 38 0.03 -13.83 -9.00
CA SER B 38 0.91 -13.06 -9.87
C SER B 38 0.37 -11.68 -10.19
N GLY B 39 -0.48 -11.13 -9.33
CA GLY B 39 -0.87 -9.75 -9.49
C GLY B 39 0.16 -8.82 -8.88
N PRO B 40 -0.19 -7.54 -8.74
CA PRO B 40 0.73 -6.57 -8.14
C PRO B 40 1.23 -6.98 -6.75
N GLY B 41 0.39 -7.64 -5.95
CA GLY B 41 0.81 -8.15 -4.67
C GLY B 41 1.95 -9.15 -4.71
N GLY B 42 1.77 -10.24 -5.46
CA GLY B 42 2.77 -11.30 -5.46
C GLY B 42 4.09 -10.88 -6.09
N HIS B 43 4.03 -10.04 -7.12
CA HIS B 43 5.27 -9.65 -7.78
C HIS B 43 6.07 -8.67 -6.95
N THR B 44 5.40 -7.76 -6.22
CA THR B 44 6.15 -6.85 -5.35
C THR B 44 6.86 -7.63 -4.25
N ALA B 45 6.17 -8.60 -3.64
CA ALA B 45 6.80 -9.48 -2.67
C ALA B 45 7.99 -10.20 -3.30
N ALA B 46 7.83 -10.67 -4.53
CA ALA B 46 8.90 -11.37 -5.21
C ALA B 46 10.11 -10.47 -5.37
N ILE B 47 9.88 -9.25 -5.87
CA ILE B 47 10.98 -8.30 -6.07
C ILE B 47 11.78 -8.13 -4.78
N TYR B 48 11.08 -7.88 -3.65
CA TYR B 48 11.78 -7.69 -2.38
C TYR B 48 12.51 -8.96 -1.93
N LEU B 49 11.89 -10.13 -2.08
CA LEU B 49 12.53 -11.34 -1.57
C LEU B 49 13.69 -11.77 -2.47
N ALA B 50 13.56 -11.62 -3.78
CA ALA B 50 14.67 -11.90 -4.67
C ALA B 50 15.86 -10.98 -4.37
N ARG B 51 15.59 -9.70 -4.17
CA ARG B 51 16.64 -8.74 -3.86
C ARG B 51 17.29 -9.05 -2.52
N ALA B 52 16.53 -9.60 -1.59
CA ALA B 52 17.03 -10.10 -0.34
C ALA B 52 17.75 -11.45 -0.48
N ASN B 53 17.94 -11.88 -1.73
CA ASN B 53 18.62 -13.13 -2.07
C ASN B 53 17.96 -14.34 -1.42
N LEU B 54 16.65 -14.29 -1.24
CA LEU B 54 15.94 -15.42 -0.67
C LEU B 54 15.50 -16.42 -1.72
N GLU B 55 15.75 -16.14 -3.02
CA GLU B 55 15.34 -16.94 -4.16
C GLU B 55 13.86 -17.37 -4.06
N PRO B 56 12.93 -16.41 -4.11
CA PRO B 56 11.51 -16.77 -4.03
C PRO B 56 11.06 -17.56 -5.26
N VAL B 57 10.13 -18.47 -5.01
CA VAL B 57 9.39 -19.13 -6.06
C VAL B 57 7.99 -18.50 -6.12
N LEU B 58 7.59 -18.09 -7.32
CA LEU B 58 6.28 -17.47 -7.54
C LEU B 58 5.51 -18.30 -8.57
N TYR B 59 4.37 -18.81 -8.16
CA TYR B 59 3.45 -19.50 -9.06
C TYR B 59 2.49 -18.47 -9.64
N GLU B 60 2.57 -18.25 -10.95
CA GLU B 60 1.80 -17.19 -11.56
C GLU B 60 0.50 -17.71 -12.15
N GLY B 61 0.26 -19.02 -12.04
CA GLY B 61 -0.98 -19.63 -12.45
C GLY B 61 -0.98 -20.01 -13.91
N MET B 62 -1.83 -20.98 -14.23
CA MET B 62 -2.16 -21.28 -15.62
C MET B 62 -3.60 -20.86 -15.83
N LEU B 63 -3.80 -19.57 -16.08
CA LEU B 63 -5.13 -18.98 -16.18
C LEU B 63 -5.94 -19.18 -14.90
N ALA B 64 -5.24 -19.15 -13.76
CA ALA B 64 -5.90 -19.31 -12.46
C ALA B 64 -6.90 -18.18 -12.24
N ASN B 65 -8.08 -18.53 -11.72
CA ASN B 65 -9.20 -17.62 -11.49
C ASN B 65 -9.76 -17.02 -12.77
N GLY B 66 -9.43 -17.59 -13.92
CA GLY B 66 -9.85 -16.99 -15.17
C GLY B 66 -9.04 -15.79 -15.62
N PHE B 67 -7.89 -15.52 -15.00
CA PHE B 67 -7.00 -14.42 -15.39
C PHE B 67 -5.65 -14.97 -15.83
N ALA B 68 -5.10 -14.38 -16.89
CA ALA B 68 -3.73 -14.68 -17.28
C ALA B 68 -2.76 -14.20 -16.18
N PRO B 69 -1.54 -14.77 -16.14
CA PRO B 69 -0.53 -14.28 -15.21
C PRO B 69 -0.44 -12.77 -15.27
N GLY B 70 -0.34 -12.14 -14.11
CA GLY B 70 -0.41 -10.70 -14.02
C GLY B 70 -1.67 -10.20 -13.37
N GLY B 71 -2.74 -10.99 -13.40
CA GLY B 71 -3.88 -10.75 -12.54
C GLY B 71 -4.98 -9.95 -13.21
N GLN B 72 -5.82 -9.34 -12.35
CA GLN B 72 -7.00 -8.63 -12.82
C GLN B 72 -6.64 -7.55 -13.85
N LEU B 73 -5.48 -6.88 -13.68
CA LEU B 73 -5.13 -5.80 -14.59
C LEU B 73 -4.96 -6.26 -16.03
N THR B 74 -4.81 -7.57 -16.25
CA THR B 74 -4.70 -7.99 -17.64
C THR B 74 -6.02 -7.84 -18.41
N THR B 75 -7.12 -7.45 -17.77
CA THR B 75 -8.36 -7.17 -18.50
C THR B 75 -8.74 -5.70 -18.54
N THR B 76 -7.79 -4.80 -18.32
CA THR B 76 -8.06 -3.38 -18.57
C THR B 76 -6.98 -2.81 -19.47
N THR B 77 -7.39 -1.90 -20.35
CA THR B 77 -6.47 -1.31 -21.31
C THR B 77 -5.82 -0.04 -20.81
N ASP B 78 -6.24 0.48 -19.66
CA ASP B 78 -5.85 1.82 -19.24
C ASP B 78 -5.73 1.84 -17.72
N VAL B 79 -4.49 1.84 -17.21
CA VAL B 79 -4.24 2.07 -15.79
C VAL B 79 -3.67 3.47 -15.65
N GLU B 80 -4.38 4.32 -14.90
CA GLU B 80 -4.10 5.75 -14.83
C GLU B 80 -3.72 6.23 -13.44
N ASN B 81 -4.01 5.45 -12.40
CA ASN B 81 -3.79 5.81 -11.02
C ASN B 81 -2.71 4.93 -10.35
N PHE B 82 -1.88 4.24 -11.13
CA PHE B 82 -0.69 3.64 -10.53
C PHE B 82 0.45 4.64 -10.63
N PRO B 83 0.91 5.20 -9.51
CA PRO B 83 1.93 6.26 -9.56
C PRO B 83 3.24 5.76 -10.16
N GLY B 84 3.85 6.63 -10.98
CA GLY B 84 5.03 6.33 -11.76
C GLY B 84 4.77 6.27 -13.25
N PHE B 85 3.51 6.32 -13.67
CA PHE B 85 3.12 6.22 -15.08
C PHE B 85 2.22 7.39 -15.39
N PRO B 86 2.77 8.60 -15.48
CA PRO B 86 1.93 9.79 -15.65
C PRO B 86 1.18 9.81 -16.97
N GLU B 87 1.59 9.02 -17.94
CA GLU B 87 0.91 8.99 -19.21
C GLU B 87 0.05 7.74 -19.33
N GLY B 88 -0.15 7.02 -18.24
CA GLY B 88 -0.92 5.80 -18.29
C GLY B 88 -0.15 4.66 -18.92
N VAL B 89 -0.74 3.46 -18.82
CA VAL B 89 -0.13 2.23 -19.30
C VAL B 89 -1.24 1.19 -19.36
N THR B 90 -1.13 0.24 -20.29
CA THR B 90 -2.10 -0.85 -20.28
C THR B 90 -1.78 -1.83 -19.15
N GLY B 91 -2.82 -2.52 -18.68
CA GLY B 91 -2.64 -3.44 -17.57
C GLY B 91 -1.68 -4.57 -17.89
N THR B 92 -1.71 -5.08 -19.12
CA THR B 92 -0.81 -6.17 -19.48
C THR B 92 0.61 -5.67 -19.64
N GLU B 93 0.80 -4.44 -20.14
CA GLU B 93 2.14 -3.88 -20.18
C GLU B 93 2.65 -3.62 -18.77
N MET B 94 1.79 -3.08 -17.91
CA MET B 94 2.20 -2.82 -16.54
C MET B 94 2.66 -4.11 -15.84
N MET B 95 1.87 -5.19 -15.96
CA MET B 95 2.23 -6.42 -15.27
C MET B 95 3.35 -7.19 -15.96
N ASP B 96 3.54 -7.00 -17.27
CA ASP B 96 4.76 -7.49 -17.89
C ASP B 96 6.01 -6.82 -17.28
N LYS B 97 5.92 -5.52 -16.99
CA LYS B 97 7.06 -4.86 -16.34
C LYS B 97 7.28 -5.42 -14.94
N PHE B 98 6.21 -5.65 -14.17
CA PHE B 98 6.36 -6.27 -12.85
C PHE B 98 7.06 -7.61 -12.97
N ARG B 99 6.63 -8.42 -13.95
CA ARG B 99 7.20 -9.75 -14.10
C ARG B 99 8.67 -9.66 -14.48
N ALA B 100 9.01 -8.71 -15.34
CA ALA B 100 10.40 -8.57 -15.73
C ALA B 100 11.27 -8.18 -14.54
N GLN B 101 10.73 -7.36 -13.64
CA GLN B 101 11.49 -6.93 -12.46
C GLN B 101 11.68 -8.09 -11.49
N SER B 102 10.63 -8.87 -11.25
CA SER B 102 10.75 -10.07 -10.41
C SER B 102 11.82 -11.00 -10.95
N GLU B 103 11.84 -11.22 -12.26
CA GLU B 103 12.79 -12.17 -12.81
C GLU B 103 14.18 -11.58 -12.89
N ARG B 104 14.30 -10.25 -13.05
CA ARG B 104 15.63 -9.63 -13.10
C ARG B 104 16.43 -9.95 -11.86
N PHE B 105 15.80 -9.89 -10.69
CA PHE B 105 16.53 -10.12 -9.44
C PHE B 105 16.50 -11.58 -8.99
N GLY B 106 16.05 -12.50 -9.84
CA GLY B 106 16.24 -13.91 -9.57
C GLY B 106 15.02 -14.69 -9.10
N THR B 107 13.82 -14.15 -9.21
CA THR B 107 12.63 -14.94 -8.91
C THR B 107 12.53 -16.13 -9.85
N LYS B 108 12.23 -17.31 -9.31
CA LYS B 108 11.90 -18.47 -10.13
C LYS B 108 10.39 -18.41 -10.39
N ILE B 109 9.98 -18.07 -11.62
CA ILE B 109 8.58 -17.86 -11.95
C ILE B 109 8.05 -19.08 -12.69
N ILE B 110 7.03 -19.72 -12.11
CA ILE B 110 6.51 -20.98 -12.63
C ILE B 110 5.06 -20.77 -13.05
N THR B 111 4.75 -21.12 -14.29
CA THR B 111 3.40 -20.90 -14.83
C THR B 111 2.49 -22.08 -14.50
N GLU B 112 2.15 -22.18 -13.23
CA GLU B 112 1.34 -23.28 -12.72
C GLU B 112 0.37 -22.73 -11.69
N THR B 113 -0.82 -23.31 -11.68
CA THR B 113 -1.77 -23.05 -10.61
C THR B 113 -1.46 -23.99 -9.44
N VAL B 114 -1.29 -23.41 -8.25
CA VAL B 114 -1.22 -24.25 -7.07
C VAL B 114 -2.63 -24.74 -6.75
N ALA B 115 -2.79 -26.06 -6.68
CA ALA B 115 -4.09 -26.69 -6.50
C ALA B 115 -4.40 -27.06 -5.06
N ARG B 116 -3.38 -27.29 -4.23
CA ARG B 116 -3.62 -27.79 -2.89
C ARG B 116 -2.49 -27.34 -1.98
N VAL B 117 -2.85 -26.96 -0.76
CA VAL B 117 -1.87 -26.58 0.26
C VAL B 117 -2.24 -27.25 1.58
N ASP B 118 -1.24 -27.72 2.30
CA ASP B 118 -1.42 -28.35 3.62
C ASP B 118 -0.62 -27.52 4.62
N LEU B 119 -1.31 -26.69 5.40
CA LEU B 119 -0.69 -25.80 6.38
C LEU B 119 -0.50 -26.42 7.76
N SER B 120 -0.73 -27.73 7.92
CA SER B 120 -0.76 -28.32 9.25
C SER B 120 0.61 -28.28 9.92
N VAL B 121 1.67 -28.63 9.20
CA VAL B 121 3.03 -28.57 9.72
C VAL B 121 3.90 -27.76 8.76
N ARG B 122 5.03 -27.34 9.25
CA ARG B 122 6.05 -26.71 8.45
C ARG B 122 7.23 -27.66 8.25
N PRO B 123 7.91 -27.61 7.09
CA PRO B 123 7.63 -26.71 5.97
C PRO B 123 6.34 -27.08 5.26
N PHE B 124 5.55 -26.08 4.88
CA PHE B 124 4.24 -26.35 4.30
C PHE B 124 4.36 -27.13 2.99
N LYS B 125 3.41 -28.04 2.79
CA LYS B 125 3.27 -28.82 1.57
C LYS B 125 2.27 -28.16 0.62
N TYR B 126 2.54 -28.30 -0.68
CA TYR B 126 1.64 -27.77 -1.70
C TYR B 126 1.80 -28.57 -2.99
N TRP B 127 0.77 -28.52 -3.81
CA TRP B 127 0.72 -29.27 -5.06
C TRP B 127 0.21 -28.37 -6.18
N THR B 128 0.83 -28.47 -7.35
CA THR B 128 0.37 -27.76 -8.53
C THR B 128 -0.64 -28.60 -9.30
N GLU B 129 -1.49 -27.91 -10.06
CA GLU B 129 -2.59 -28.53 -10.80
C GLU B 129 -2.08 -29.58 -11.79
N GLY B 130 -2.65 -30.79 -11.70
CA GLY B 130 -2.23 -31.89 -12.53
C GLY B 130 -1.15 -32.75 -11.92
N GLU B 131 -0.53 -32.30 -10.84
CA GLU B 131 0.50 -33.03 -10.12
C GLU B 131 0.12 -33.07 -8.65
N GLU B 132 -1.04 -33.68 -8.39
CA GLU B 132 -1.66 -33.63 -7.07
C GLU B 132 -1.59 -34.95 -6.32
N GLU B 133 -0.87 -35.94 -6.85
CA GLU B 133 -0.64 -37.17 -6.12
C GLU B 133 0.04 -36.88 -4.77
N GLU B 134 -0.23 -37.75 -3.79
CA GLU B 134 0.23 -37.52 -2.43
C GLU B 134 1.74 -37.33 -2.35
N HIS B 135 2.49 -38.08 -3.16
CA HIS B 135 3.95 -38.06 -3.12
C HIS B 135 4.55 -36.97 -3.99
N GLU B 136 3.73 -36.18 -4.66
CA GLU B 136 4.20 -35.12 -5.54
C GLU B 136 4.29 -33.78 -4.84
N PHE B 137 4.22 -33.77 -3.51
CA PHE B 137 4.25 -32.50 -2.79
C PHE B 137 5.60 -31.81 -2.92
N MET B 138 5.55 -30.50 -2.83
CA MET B 138 6.73 -29.65 -2.66
C MET B 138 6.56 -28.93 -1.34
N THR B 139 7.66 -28.37 -0.82
CA THR B 139 7.64 -27.74 0.49
C THR B 139 8.17 -26.32 0.43
N ALA B 140 7.61 -25.48 1.30
CA ALA B 140 8.00 -24.08 1.47
C ALA B 140 8.03 -23.76 2.96
N ASP B 141 9.14 -23.16 3.42
CA ASP B 141 9.21 -22.78 4.83
C ASP B 141 8.22 -21.68 5.17
N THR B 142 7.96 -20.77 4.24
CA THR B 142 6.92 -19.76 4.39
C THR B 142 6.16 -19.65 3.07
N ILE B 143 4.90 -19.21 3.15
CA ILE B 143 4.07 -19.01 1.97
C ILE B 143 3.49 -17.62 2.03
N ILE B 144 3.49 -16.93 0.90
CA ILE B 144 2.78 -15.67 0.74
C ILE B 144 1.56 -15.92 -0.13
N LEU B 145 0.36 -15.77 0.44
CA LEU B 145 -0.89 -15.94 -0.31
C LEU B 145 -1.25 -14.61 -0.95
N ALA B 146 -1.17 -14.56 -2.28
CA ALA B 146 -1.45 -13.34 -3.03
C ALA B 146 -2.38 -13.66 -4.19
N THR B 147 -3.40 -14.48 -3.91
CA THR B 147 -4.17 -15.11 -4.96
C THR B 147 -5.25 -14.19 -5.54
N GLY B 148 -5.50 -13.05 -4.90
CA GLY B 148 -6.34 -12.04 -5.49
C GLY B 148 -7.81 -12.37 -5.39
N ALA B 149 -8.53 -12.08 -6.48
CA ALA B 149 -9.98 -12.17 -6.52
C ALA B 149 -10.42 -12.48 -7.94
N SER B 150 -11.52 -13.22 -8.05
CA SER B 150 -12.16 -13.50 -9.33
C SER B 150 -13.28 -12.50 -9.60
N ALA B 151 -13.77 -12.53 -10.83
CA ALA B 151 -14.91 -11.72 -11.26
C ALA B 151 -16.13 -12.63 -11.29
N LYS B 152 -17.04 -12.44 -10.33
CA LYS B 152 -18.13 -13.39 -10.10
C LYS B 152 -19.37 -12.97 -10.88
N ARG B 153 -19.68 -13.72 -11.93
CA ARG B 153 -20.82 -13.45 -12.81
C ARG B 153 -22.07 -14.15 -12.27
N LEU B 154 -23.15 -13.38 -12.06
CA LEU B 154 -24.40 -13.94 -11.58
C LEU B 154 -25.01 -14.88 -12.63
N PHE B 155 -25.91 -15.74 -12.17
CA PHE B 155 -26.65 -16.59 -13.10
C PHE B 155 -27.64 -15.73 -13.87
N LEU B 156 -27.52 -15.73 -15.19
CA LEU B 156 -28.34 -14.84 -15.99
C LEU B 156 -28.38 -15.35 -17.43
N PRO B 157 -29.47 -16.00 -17.84
CA PRO B 157 -29.57 -16.48 -19.22
C PRO B 157 -29.32 -15.34 -20.20
N GLY B 158 -28.54 -15.63 -21.24
CA GLY B 158 -28.11 -14.62 -22.18
C GLY B 158 -26.83 -13.90 -21.80
N GLU B 159 -26.39 -14.00 -20.54
CA GLU B 159 -25.15 -13.35 -20.15
C GLU B 159 -23.98 -13.85 -20.98
N GLU B 160 -24.01 -15.11 -21.38
CA GLU B 160 -22.92 -15.65 -22.18
C GLU B 160 -22.81 -14.90 -23.50
N THR B 161 -23.96 -14.57 -24.11
CA THR B 161 -23.97 -13.89 -25.40
C THR B 161 -23.51 -12.44 -25.28
N TYR B 162 -23.87 -11.75 -24.19
CA TYR B 162 -23.68 -10.31 -24.11
C TYR B 162 -22.63 -9.87 -23.10
N TRP B 163 -21.95 -10.81 -22.43
CA TRP B 163 -20.81 -10.45 -21.58
C TRP B 163 -19.74 -9.77 -22.41
N GLN B 164 -19.39 -8.53 -22.03
CA GLN B 164 -18.48 -7.66 -22.77
C GLN B 164 -19.05 -7.25 -24.11
N SER B 165 -20.33 -7.46 -24.34
CA SER B 165 -21.02 -6.80 -25.43
C SER B 165 -22.31 -6.18 -24.91
N GLY B 166 -22.19 -5.44 -23.80
CA GLY B 166 -23.33 -4.81 -23.16
C GLY B 166 -23.38 -5.08 -21.68
N ILE B 167 -22.87 -6.23 -21.25
CA ILE B 167 -22.78 -6.58 -19.84
C ILE B 167 -21.32 -6.45 -19.41
N SER B 168 -21.10 -5.91 -18.22
CA SER B 168 -19.74 -5.63 -17.78
C SER B 168 -19.67 -5.64 -16.25
N ALA B 169 -18.52 -6.02 -15.73
CA ALA B 169 -18.34 -6.09 -14.29
C ALA B 169 -17.61 -4.88 -13.76
N CYS B 170 -17.33 -3.88 -14.60
CA CYS B 170 -16.54 -2.71 -14.20
C CYS B 170 -17.16 -1.46 -14.82
N ALA B 171 -18.04 -0.82 -14.05
CA ALA B 171 -18.68 0.42 -14.48
C ALA B 171 -17.64 1.49 -14.79
N VAL B 172 -16.75 1.78 -13.84
CA VAL B 172 -15.78 2.87 -14.05
C VAL B 172 -14.83 2.56 -15.19
N CYS B 173 -14.60 1.27 -15.51
CA CYS B 173 -13.82 0.95 -16.70
C CYS B 173 -14.60 1.24 -17.98
N ASP B 174 -15.79 0.64 -18.11
CA ASP B 174 -16.50 0.60 -19.39
C ASP B 174 -17.54 1.69 -19.57
N GLY B 175 -17.82 2.47 -18.53
CA GLY B 175 -18.93 3.42 -18.60
C GLY B 175 -18.91 4.34 -19.80
N ALA B 176 -17.72 4.75 -20.23
CA ALA B 176 -17.62 5.82 -21.21
C ALA B 176 -17.56 5.33 -22.65
N VAL B 177 -17.61 4.03 -22.91
CA VAL B 177 -17.43 3.57 -24.27
C VAL B 177 -18.71 3.89 -25.04
N PRO B 178 -18.63 4.14 -26.35
CA PRO B 178 -19.77 4.77 -27.05
C PRO B 178 -21.07 3.99 -26.98
N ILE B 179 -20.98 2.66 -26.85
CA ILE B 179 -22.16 1.80 -26.84
C ILE B 179 -23.12 2.14 -25.71
N PHE B 180 -22.63 2.73 -24.62
CA PHE B 180 -23.51 3.10 -23.51
C PHE B 180 -23.96 4.56 -23.54
N ARG B 181 -23.45 5.36 -24.49
CA ARG B 181 -23.56 6.81 -24.37
C ARG B 181 -24.99 7.29 -24.60
N GLN B 182 -25.53 8.02 -23.62
CA GLN B 182 -26.91 8.50 -23.64
C GLN B 182 -27.90 7.38 -23.92
N LYS B 183 -27.65 6.22 -23.33
CA LYS B 183 -28.56 5.09 -23.43
C LYS B 183 -28.93 4.60 -22.05
N PRO B 184 -30.10 3.98 -21.90
CA PRO B 184 -30.49 3.45 -20.58
C PRO B 184 -29.54 2.34 -20.14
N LEU B 185 -29.06 2.44 -18.90
CA LEU B 185 -28.13 1.49 -18.30
C LEU B 185 -28.67 0.96 -16.98
N ALA B 186 -28.31 -0.27 -16.64
CA ALA B 186 -28.74 -0.87 -15.38
C ALA B 186 -27.54 -1.32 -14.56
N VAL B 187 -27.69 -1.25 -13.24
CA VAL B 187 -26.66 -1.70 -12.29
C VAL B 187 -27.31 -2.73 -11.38
N ILE B 188 -26.66 -3.88 -11.20
CA ILE B 188 -27.11 -4.90 -10.26
C ILE B 188 -26.28 -4.81 -9.00
N GLY B 189 -26.93 -4.61 -7.87
CA GLY B 189 -26.22 -4.52 -6.60
C GLY B 189 -27.07 -3.86 -5.55
N GLY B 190 -26.75 -4.16 -4.29
CA GLY B 190 -27.57 -3.68 -3.21
C GLY B 190 -26.82 -3.04 -2.05
N GLY B 191 -25.79 -2.27 -2.36
CA GLY B 191 -25.02 -1.61 -1.33
C GLY B 191 -24.32 -0.39 -1.86
N ASP B 192 -23.23 -0.02 -1.18
CA ASP B 192 -22.49 1.18 -1.54
C ASP B 192 -21.89 1.08 -2.93
N SER B 193 -21.42 -0.11 -3.32
CA SER B 193 -20.83 -0.26 -4.64
C SER B 193 -21.85 0.02 -5.75
N ALA B 194 -23.07 -0.50 -5.59
CA ALA B 194 -24.13 -0.21 -6.56
C ALA B 194 -24.42 1.29 -6.62
N ALA B 195 -24.59 1.92 -5.46
CA ALA B 195 -24.79 3.37 -5.41
C ALA B 195 -23.66 4.12 -6.10
N GLU B 196 -22.43 3.68 -5.87
CA GLU B 196 -21.28 4.36 -6.46
C GLU B 196 -21.27 4.20 -7.98
N GLU B 197 -21.54 2.99 -8.47
CA GLU B 197 -21.44 2.77 -9.90
C GLU B 197 -22.60 3.44 -10.64
N ALA B 198 -23.80 3.38 -10.06
CA ALA B 198 -24.96 3.99 -10.70
C ALA B 198 -24.78 5.50 -10.83
N THR B 199 -24.29 6.16 -9.77
CA THR B 199 -24.06 7.60 -9.83
C THR B 199 -22.99 7.94 -10.87
N TYR B 200 -21.89 7.18 -10.89
CA TYR B 200 -20.89 7.39 -11.93
C TYR B 200 -21.52 7.26 -13.32
N LEU B 201 -22.37 6.26 -13.52
CA LEU B 201 -22.92 6.04 -14.86
C LEU B 201 -23.89 7.13 -15.29
N THR B 202 -24.45 7.91 -14.35
CA THR B 202 -25.31 9.03 -14.75
C THR B 202 -24.55 10.01 -15.63
N LYS B 203 -23.22 10.06 -15.49
CA LYS B 203 -22.41 10.88 -16.37
C LYS B 203 -22.53 10.47 -17.84
N TYR B 204 -22.82 9.19 -18.11
CA TYR B 204 -22.81 8.73 -19.48
C TYR B 204 -24.17 8.23 -19.95
N GLY B 205 -24.91 7.53 -19.10
CA GLY B 205 -26.19 7.03 -19.50
C GLY B 205 -27.22 8.12 -19.62
N SER B 206 -28.25 7.84 -20.43
CA SER B 206 -29.42 8.71 -20.44
C SER B 206 -30.24 8.53 -19.17
N HIS B 207 -30.13 7.36 -18.54
CA HIS B 207 -30.83 7.01 -17.31
C HIS B 207 -30.21 5.73 -16.77
N VAL B 208 -30.27 5.55 -15.45
CA VAL B 208 -29.65 4.40 -14.79
C VAL B 208 -30.64 3.77 -13.82
N TYR B 209 -30.99 2.51 -14.06
CA TYR B 209 -31.75 1.75 -13.09
C TYR B 209 -30.81 0.97 -12.17
N VAL B 210 -31.17 0.93 -10.88
CA VAL B 210 -30.46 0.12 -9.90
C VAL B 210 -31.36 -1.04 -9.50
N LEU B 211 -30.93 -2.25 -9.83
CA LEU B 211 -31.70 -3.47 -9.51
C LEU B 211 -31.20 -3.99 -8.16
N VAL B 212 -32.04 -3.86 -7.15
CA VAL B 212 -31.67 -4.16 -5.77
C VAL B 212 -32.41 -5.42 -5.32
N ARG B 213 -31.62 -6.44 -4.95
CA ARG B 213 -32.16 -7.76 -4.67
C ARG B 213 -32.99 -7.79 -3.39
N ARG B 214 -32.66 -6.94 -2.42
CA ARG B 214 -33.32 -6.96 -1.13
C ARG B 214 -34.41 -5.89 -1.05
N ASP B 215 -35.05 -5.81 0.11
CA ASP B 215 -36.01 -4.74 0.39
C ASP B 215 -35.35 -3.48 0.94
N GLU B 216 -34.11 -3.59 1.40
CA GLU B 216 -33.40 -2.45 1.97
C GLU B 216 -31.98 -2.45 1.44
N LEU B 217 -31.55 -1.30 0.93
CA LEU B 217 -30.18 -1.14 0.50
C LEU B 217 -29.24 -1.31 1.68
N ARG B 218 -28.34 -2.28 1.60
CA ARG B 218 -27.36 -2.46 2.66
C ARG B 218 -26.50 -1.23 2.88
N ALA B 219 -26.53 -0.26 1.96
CA ALA B 219 -25.85 1.01 2.15
C ALA B 219 -26.54 1.81 3.26
N SER B 220 -25.78 2.76 3.83
CA SER B 220 -26.31 3.62 4.87
C SER B 220 -27.59 4.28 4.42
N LYS B 221 -28.46 4.60 5.38
CA LYS B 221 -29.77 5.15 5.05
C LYS B 221 -29.65 6.43 4.23
N ILE B 222 -28.60 7.23 4.48
CA ILE B 222 -28.46 8.46 3.73
C ILE B 222 -27.98 8.18 2.31
N MET B 223 -27.13 7.17 2.12
CA MET B 223 -26.73 6.77 0.78
C MET B 223 -27.93 6.24 0.00
N ALA B 224 -28.71 5.35 0.63
CA ALA B 224 -29.95 4.88 0.01
C ALA B 224 -30.91 6.02 -0.26
N LYS B 225 -30.94 7.00 0.64
CA LYS B 225 -31.83 8.14 0.45
C LYS B 225 -31.43 8.97 -0.77
N ARG B 226 -30.12 9.16 -0.97
CA ARG B 226 -29.66 9.97 -2.10
C ARG B 226 -29.86 9.23 -3.43
N LEU B 227 -29.59 7.93 -3.44
CA LEU B 227 -29.76 7.14 -4.66
C LEU B 227 -31.14 7.32 -5.25
N THR B 228 -32.17 7.18 -4.41
CA THR B 228 -33.55 7.17 -4.89
C THR B 228 -33.96 8.53 -5.46
N SER B 229 -33.37 9.61 -4.95
CA SER B 229 -33.74 10.96 -5.35
C SER B 229 -32.81 11.57 -6.39
N HIS B 230 -31.96 10.78 -7.02
CA HIS B 230 -31.15 11.31 -8.11
C HIS B 230 -32.01 11.39 -9.37
N PRO B 231 -32.00 12.51 -10.10
CA PRO B 231 -32.92 12.64 -11.24
C PRO B 231 -32.63 11.69 -12.40
N LYS B 232 -31.43 11.14 -12.49
CA LYS B 232 -31.10 10.18 -13.54
C LYS B 232 -31.00 8.75 -13.03
N VAL B 233 -31.60 8.45 -11.86
CA VAL B 233 -31.50 7.12 -11.26
C VAL B 233 -32.89 6.66 -10.84
N THR B 234 -33.20 5.39 -11.12
CA THR B 234 -34.37 4.74 -10.53
C THR B 234 -33.89 3.51 -9.78
N VAL B 235 -34.11 3.50 -8.47
CA VAL B 235 -33.86 2.31 -7.68
C VAL B 235 -35.09 1.40 -7.78
N LEU B 236 -34.88 0.19 -8.30
CA LEU B 236 -35.92 -0.84 -8.34
C LEU B 236 -35.67 -1.80 -7.17
N TRP B 237 -36.46 -1.68 -6.13
CA TRP B 237 -36.31 -2.55 -4.96
C TRP B 237 -36.88 -3.92 -5.28
N ASN B 238 -36.39 -4.93 -4.53
CA ASN B 238 -36.92 -6.29 -4.64
C ASN B 238 -36.98 -6.76 -6.09
N THR B 239 -35.90 -6.48 -6.84
CA THR B 239 -35.87 -6.73 -8.27
C THR B 239 -34.59 -7.48 -8.65
N VAL B 240 -34.75 -8.54 -9.44
CA VAL B 240 -33.63 -9.32 -9.96
C VAL B 240 -33.77 -9.39 -11.48
N ALA B 241 -32.64 -9.54 -12.16
CA ALA B 241 -32.66 -9.81 -13.59
C ALA B 241 -32.78 -11.31 -13.81
N THR B 242 -33.62 -11.70 -14.76
CA THR B 242 -33.75 -13.11 -15.07
C THR B 242 -33.32 -13.46 -16.47
N GLU B 243 -33.14 -12.47 -17.35
CA GLU B 243 -32.73 -12.73 -18.72
C GLU B 243 -32.09 -11.48 -19.29
N ALA B 244 -30.94 -11.65 -19.94
CA ALA B 244 -30.33 -10.61 -20.77
C ALA B 244 -30.68 -10.88 -22.23
N LYS B 245 -31.15 -9.85 -22.93
CA LYS B 245 -31.70 -9.95 -24.27
C LYS B 245 -31.04 -8.92 -25.17
N GLY B 246 -30.89 -9.26 -26.45
CA GLY B 246 -30.39 -8.29 -27.39
C GLY B 246 -30.70 -8.68 -28.82
N ASP B 247 -30.03 -8.01 -29.76
CA ASP B 247 -30.18 -8.31 -31.17
C ASP B 247 -29.26 -9.45 -31.63
N GLY B 248 -28.75 -10.25 -30.70
CA GLY B 248 -27.77 -11.26 -31.02
C GLY B 248 -26.34 -10.75 -31.11
N GLU B 249 -26.14 -9.45 -31.13
CA GLU B 249 -24.81 -8.85 -31.09
C GLU B 249 -24.59 -8.02 -29.82
N VAL B 250 -25.49 -7.09 -29.52
CA VAL B 250 -25.38 -6.26 -28.33
C VAL B 250 -26.65 -6.33 -27.50
N LEU B 251 -26.49 -6.10 -26.20
CA LEU B 251 -27.59 -6.09 -25.24
C LEU B 251 -28.61 -4.99 -25.53
N THR B 252 -29.91 -5.34 -25.48
CA THR B 252 -30.98 -4.36 -25.67
C THR B 252 -32.04 -4.33 -24.58
N SER B 253 -32.23 -5.39 -23.78
CA SER B 253 -33.13 -5.28 -22.64
C SER B 253 -32.87 -6.40 -21.64
N LEU B 254 -33.43 -6.25 -20.45
CA LEU B 254 -33.41 -7.24 -19.39
C LEU B 254 -34.84 -7.62 -19.03
N THR B 255 -35.11 -8.92 -18.89
CA THR B 255 -36.28 -9.35 -18.16
C THR B 255 -35.98 -9.21 -16.67
N ILE B 256 -36.91 -8.63 -15.92
CA ILE B 256 -36.74 -8.46 -14.49
C ILE B 256 -37.95 -9.03 -13.77
N LYS B 257 -37.75 -9.42 -12.52
CA LYS B 257 -38.80 -9.99 -11.68
C LYS B 257 -38.79 -9.29 -10.34
N ASN B 258 -39.97 -9.06 -9.79
CA ASN B 258 -40.07 -8.54 -8.44
C ASN B 258 -40.12 -9.73 -7.47
N THR B 259 -39.22 -9.72 -6.48
CA THR B 259 -39.16 -10.84 -5.54
C THR B 259 -40.32 -10.85 -4.55
N LYS B 260 -40.96 -9.70 -4.29
CA LYS B 260 -42.08 -9.67 -3.35
C LYS B 260 -43.44 -9.82 -4.04
N THR B 261 -43.64 -9.22 -5.21
CA THR B 261 -44.90 -9.39 -5.93
C THR B 261 -44.86 -10.50 -6.96
N GLY B 262 -43.68 -10.86 -7.47
CA GLY B 262 -43.59 -11.87 -8.52
C GLY B 262 -43.90 -11.36 -9.91
N GLU B 263 -44.13 -10.06 -10.06
CA GLU B 263 -44.44 -9.55 -11.38
C GLU B 263 -43.18 -9.47 -12.23
N THR B 264 -43.33 -9.81 -13.51
CA THR B 264 -42.23 -9.86 -14.45
C THR B 264 -42.39 -8.73 -15.46
N GLY B 265 -41.26 -8.13 -15.84
CA GLY B 265 -41.29 -7.05 -16.80
C GLY B 265 -40.04 -7.04 -17.67
N ASP B 266 -40.10 -6.18 -18.68
CA ASP B 266 -38.98 -5.96 -19.59
C ASP B 266 -38.42 -4.56 -19.35
N LEU B 267 -37.10 -4.48 -19.25
CA LEU B 267 -36.40 -3.22 -18.96
C LEU B 267 -35.42 -2.92 -20.08
N PRO B 268 -35.68 -1.93 -20.93
CA PRO B 268 -34.76 -1.62 -22.05
C PRO B 268 -33.47 -1.00 -21.53
N VAL B 269 -32.35 -1.68 -21.79
CA VAL B 269 -31.02 -1.21 -21.37
C VAL B 269 -30.02 -1.63 -22.42
N ASN B 270 -29.04 -0.75 -22.66
CA ASN B 270 -27.92 -1.08 -23.52
C ASN B 270 -26.66 -1.44 -22.74
N GLY B 271 -26.67 -1.25 -21.43
CA GLY B 271 -25.56 -1.70 -20.61
C GLY B 271 -26.06 -2.27 -19.30
N LEU B 272 -25.43 -3.34 -18.84
CA LEU B 272 -25.72 -3.89 -17.53
C LEU B 272 -24.40 -4.07 -16.80
N PHE B 273 -24.31 -3.51 -15.60
CA PHE B 273 -23.07 -3.48 -14.85
C PHE B 273 -23.28 -4.16 -13.50
N TYR B 274 -22.43 -5.14 -13.20
CA TYR B 274 -22.50 -5.80 -11.90
C TYR B 274 -21.72 -4.97 -10.88
N ALA B 275 -22.36 -4.65 -9.75
CA ALA B 275 -21.68 -4.04 -8.62
C ALA B 275 -21.54 -5.04 -7.47
N ILE B 276 -21.62 -6.31 -7.79
CA ILE B 276 -21.28 -7.41 -6.89
C ILE B 276 -20.09 -8.11 -7.54
N GLY B 277 -19.78 -9.32 -7.09
CA GLY B 277 -18.82 -10.12 -7.82
C GLY B 277 -17.36 -9.75 -7.64
N HIS B 278 -16.98 -9.29 -6.45
CA HIS B 278 -15.60 -9.35 -5.99
C HIS B 278 -15.52 -10.54 -5.04
N GLU B 279 -15.03 -11.66 -5.55
CA GLU B 279 -14.91 -12.90 -4.78
C GLU B 279 -13.43 -13.14 -4.48
N PRO B 280 -13.01 -13.05 -3.22
CA PRO B 280 -11.60 -13.32 -2.90
C PRO B 280 -11.26 -14.78 -3.17
N ALA B 281 -10.05 -15.01 -3.70
CA ALA B 281 -9.63 -16.33 -4.15
C ALA B 281 -9.02 -17.13 -2.99
N THR B 282 -9.89 -17.68 -2.15
CA THR B 282 -9.42 -18.32 -0.92
C THR B 282 -9.72 -19.80 -0.86
N SER B 283 -10.22 -20.39 -1.96
CA SER B 283 -10.56 -21.81 -1.96
C SER B 283 -9.39 -22.68 -1.49
N LEU B 284 -8.16 -22.25 -1.75
CA LEU B 284 -6.99 -23.05 -1.35
C LEU B 284 -6.91 -23.21 0.17
N VAL B 285 -7.40 -22.24 0.93
CA VAL B 285 -7.14 -22.19 2.36
C VAL B 285 -8.45 -22.11 3.15
N LYS B 286 -9.55 -22.45 2.50
CA LYS B 286 -10.80 -22.68 3.21
C LYS B 286 -10.56 -23.67 4.34
N SER B 287 -10.92 -23.28 5.56
CA SER B 287 -10.77 -24.06 6.80
C SER B 287 -9.33 -24.24 7.26
N GLN B 288 -8.35 -23.57 6.63
CA GLN B 288 -6.97 -23.66 7.12
C GLN B 288 -6.42 -22.34 7.64
N VAL B 289 -6.98 -21.20 7.24
CA VAL B 289 -6.67 -19.93 7.86
C VAL B 289 -7.98 -19.23 8.22
N GLU B 290 -7.91 -18.30 9.16
CA GLU B 290 -9.11 -17.59 9.59
C GLU B 290 -9.60 -16.68 8.48
N LEU B 291 -10.83 -16.90 8.03
CA LEU B 291 -11.45 -16.09 6.99
C LEU B 291 -12.59 -15.27 7.58
N ASP B 292 -12.83 -14.09 7.02
CA ASP B 292 -13.99 -13.34 7.49
C ASP B 292 -15.25 -13.91 6.84
N SER B 293 -16.40 -13.34 7.17
CA SER B 293 -17.66 -13.90 6.71
C SER B 293 -17.73 -13.95 5.19
N ASP B 294 -17.02 -13.03 4.51
CA ASP B 294 -17.03 -12.94 3.05
C ASP B 294 -15.90 -13.70 2.40
N GLY B 295 -15.19 -14.54 3.14
CA GLY B 295 -14.13 -15.28 2.51
C GLY B 295 -12.80 -14.58 2.41
N TYR B 296 -12.66 -13.37 2.95
CA TYR B 296 -11.36 -12.69 2.94
C TYR B 296 -10.46 -13.21 4.05
N ILE B 297 -9.17 -13.31 3.73
CA ILE B 297 -8.19 -13.75 4.72
C ILE B 297 -8.04 -12.69 5.80
N LYS B 298 -8.17 -13.10 7.06
CA LYS B 298 -7.97 -12.20 8.19
C LYS B 298 -6.49 -12.03 8.46
N THR B 299 -6.08 -10.78 8.66
CA THR B 299 -4.68 -10.47 8.97
C THR B 299 -4.61 -9.65 10.24
N VAL B 300 -3.61 -9.94 11.06
CA VAL B 300 -3.23 -9.02 12.12
C VAL B 300 -3.16 -7.63 11.50
N PRO B 301 -3.98 -6.68 11.96
CA PRO B 301 -4.15 -5.43 11.21
C PRO B 301 -2.83 -4.67 11.11
N GLY B 302 -2.68 -3.96 10.00
CA GLY B 302 -1.40 -3.35 9.68
C GLY B 302 -0.34 -4.30 9.21
N THR B 303 -0.54 -5.62 9.33
CA THR B 303 0.44 -6.60 8.94
C THR B 303 -0.14 -7.51 7.86
N SER B 304 0.70 -8.43 7.38
CA SER B 304 0.33 -9.45 6.41
C SER B 304 0.11 -10.80 7.07
N GLN B 305 0.20 -10.84 8.40
CA GLN B 305 0.22 -12.09 9.16
C GLN B 305 -1.19 -12.68 9.25
N THR B 306 -1.34 -13.93 8.78
CA THR B 306 -2.58 -14.69 8.87
C THR B 306 -2.65 -15.42 10.21
N SER B 307 -3.71 -16.20 10.39
CA SER B 307 -3.91 -17.01 11.59
C SER B 307 -2.95 -18.19 11.70
N VAL B 308 -2.00 -18.35 10.79
CA VAL B 308 -1.05 -19.45 10.88
C VAL B 308 0.34 -18.89 10.70
N HIS B 309 1.20 -19.09 11.71
CA HIS B 309 2.59 -18.66 11.68
C HIS B 309 3.30 -19.20 10.43
N GLY B 310 3.96 -18.31 9.71
CA GLY B 310 4.63 -18.67 8.49
C GLY B 310 3.82 -18.41 7.23
N VAL B 311 2.54 -18.13 7.35
CA VAL B 311 1.69 -17.83 6.20
C VAL B 311 1.32 -16.35 6.26
N PHE B 312 1.66 -15.61 5.20
CA PHE B 312 1.35 -14.20 5.04
C PHE B 312 0.42 -14.03 3.84
N ALA B 313 -0.31 -12.92 3.83
CA ALA B 313 -1.24 -12.59 2.75
C ALA B 313 -1.04 -11.16 2.26
N ALA B 314 -1.17 -10.97 0.95
CA ALA B 314 -1.08 -9.66 0.32
C ALA B 314 -2.15 -9.52 -0.75
N GLY B 315 -2.54 -8.28 -1.00
CA GLY B 315 -3.40 -7.98 -2.12
C GLY B 315 -4.88 -8.13 -1.80
N ASP B 316 -5.67 -8.22 -2.86
CA ASP B 316 -7.14 -8.24 -2.72
C ASP B 316 -7.64 -9.44 -1.92
N VAL B 317 -6.89 -10.55 -1.91
CA VAL B 317 -7.32 -11.71 -1.13
C VAL B 317 -7.47 -11.40 0.36
N GLN B 318 -6.83 -10.33 0.85
CA GLN B 318 -7.00 -9.93 2.24
C GLN B 318 -7.39 -8.46 2.36
N ASP B 319 -8.00 -7.88 1.32
CA ASP B 319 -8.42 -6.49 1.40
C ASP B 319 -9.76 -6.35 0.68
N LYS B 320 -10.84 -6.34 1.45
CA LYS B 320 -12.16 -6.03 0.92
C LYS B 320 -12.44 -4.53 0.81
N LYS B 321 -11.53 -3.68 1.30
CA LYS B 321 -11.84 -2.26 1.48
C LYS B 321 -11.30 -1.37 0.37
N TYR B 322 -10.02 -1.49 0.02
CA TYR B 322 -9.43 -0.55 -0.93
C TYR B 322 -9.33 -1.10 -2.35
N ARG B 323 -8.82 -2.32 -2.50
CA ARG B 323 -8.88 -3.07 -3.76
C ARG B 323 -8.23 -2.30 -4.91
N GLN B 324 -7.03 -1.79 -4.68
CA GLN B 324 -6.30 -1.11 -5.73
C GLN B 324 -5.00 -1.85 -6.00
N ALA B 325 -4.45 -1.63 -7.21
CA ALA B 325 -3.16 -2.21 -7.53
C ALA B 325 -2.05 -1.61 -6.67
N ILE B 326 -2.12 -0.30 -6.42
CA ILE B 326 -1.06 0.34 -5.62
C ILE B 326 -1.10 -0.16 -4.17
N THR B 327 -2.30 -0.31 -3.59
CA THR B 327 -2.39 -0.87 -2.24
C THR B 327 -2.02 -2.35 -2.23
N SER B 328 -2.32 -3.07 -3.31
CA SER B 328 -1.91 -4.47 -3.39
C SER B 328 -0.39 -4.59 -3.46
N ALA B 329 0.26 -3.74 -4.24
CA ALA B 329 1.74 -3.72 -4.31
C ALA B 329 2.33 -3.43 -2.93
N GLY B 330 1.86 -2.37 -2.29
CA GLY B 330 2.34 -2.05 -0.95
C GLY B 330 2.19 -3.21 0.02
N SER B 331 1.04 -3.87 0.01
CA SER B 331 0.86 -4.98 0.93
C SER B 331 1.69 -6.19 0.55
N GLY B 332 2.02 -6.32 -0.74
CA GLY B 332 2.96 -7.35 -1.16
C GLY B 332 4.35 -7.09 -0.62
N CYS B 333 4.77 -5.83 -0.62
CA CYS B 333 6.04 -5.49 0.01
C CYS B 333 6.02 -5.88 1.48
N ILE B 334 4.96 -5.50 2.19
CA ILE B 334 4.88 -5.81 3.62
C ILE B 334 4.94 -7.31 3.85
N ALA B 335 4.23 -8.10 3.04
CA ALA B 335 4.30 -9.56 3.19
C ALA B 335 5.74 -10.04 3.07
N ALA B 336 6.49 -9.48 2.12
CA ALA B 336 7.86 -9.92 1.87
C ALA B 336 8.77 -9.56 3.03
N LEU B 337 8.69 -8.32 3.51
CA LEU B 337 9.50 -7.90 4.64
C LEU B 337 9.20 -8.75 5.87
N GLU B 338 7.93 -9.11 6.09
CA GLU B 338 7.63 -9.92 7.25
C GLU B 338 8.05 -11.38 7.06
N ALA B 339 7.96 -11.93 5.84
CA ALA B 339 8.49 -13.27 5.61
C ALA B 339 10.02 -13.30 5.71
N GLU B 340 10.69 -12.30 5.13
CA GLU B 340 12.14 -12.22 5.27
C GLU B 340 12.54 -12.17 6.74
N ARG B 341 11.81 -11.38 7.53
CA ARG B 341 12.13 -11.26 8.96
C ARG B 341 11.99 -12.61 9.68
N LEU B 342 10.88 -13.32 9.44
CA LEU B 342 10.72 -14.61 10.08
C LEU B 342 11.80 -15.58 9.64
N ILE B 343 12.09 -15.61 8.33
CA ILE B 343 13.16 -16.47 7.84
C ILE B 343 14.48 -16.11 8.51
N SER B 344 14.70 -14.82 8.76
CA SER B 344 15.93 -14.37 9.38
C SER B 344 16.03 -14.83 10.84
N GLU B 345 14.97 -14.65 11.62
CA GLU B 345 15.07 -15.06 13.01
C GLU B 345 15.21 -16.58 13.14
N GLU B 346 14.68 -17.34 12.18
CA GLU B 346 14.77 -18.78 12.28
C GLU B 346 16.13 -19.31 11.81
N GLU B 347 16.78 -18.63 10.88
CA GLU B 347 18.16 -18.99 10.53
C GLU B 347 19.11 -18.66 11.67
N ALA B 348 18.93 -17.49 12.30
CA ALA B 348 19.81 -17.07 13.39
C ALA B 348 19.70 -18.02 14.58
N ASP B 349 18.47 -18.47 14.90
CA ASP B 349 18.24 -19.38 16.01
C ASP B 349 18.69 -20.81 15.70
N ASP B 350 18.93 -21.14 14.44
CA ASP B 350 19.42 -22.47 14.09
C ASP B 350 20.92 -22.51 14.38
N GLU B 351 21.28 -23.17 15.47
CA GLU B 351 22.67 -23.23 15.91
C GLU B 351 23.39 -24.46 15.36
PA FAD C . 8.85 11.68 2.19
O1A FAD C . 9.53 10.95 1.10
O2A FAD C . 9.47 11.54 3.58
O5B FAD C . 8.66 13.14 1.75
C5B FAD C . 7.99 14.10 2.59
C4B FAD C . 7.96 15.41 1.83
O4B FAD C . 7.00 16.30 2.46
C3B FAD C . 9.30 16.17 1.79
O3B FAD C . 9.60 16.65 0.49
C2B FAD C . 9.07 17.35 2.73
O2B FAD C . 9.76 18.50 2.26
C1B FAD C . 7.57 17.57 2.57
N9A FAD C . 7.00 18.26 3.72
C8A FAD C . 7.25 17.98 5.05
N7A FAD C . 6.66 18.80 5.88
C5A FAD C . 5.98 19.69 5.06
C6A FAD C . 5.17 20.80 5.34
N6A FAD C . 4.88 21.23 6.58
N1A FAD C . 4.65 21.48 4.29
C2A FAD C . 4.93 21.05 3.05
N3A FAD C . 5.69 20.02 2.66
C4A FAD C . 6.19 19.38 3.73
N1 FAD C . 12.35 3.33 -0.46
C2 FAD C . 12.19 2.38 -1.43
O2 FAD C . 11.12 1.78 -1.59
N3 FAD C . 13.26 2.05 -2.25
C4 FAD C . 14.53 2.63 -2.19
O4 FAD C . 15.42 2.28 -2.96
C4X FAD C . 14.67 3.64 -1.18
N5 FAD C . 15.83 4.23 -1.06
C5X FAD C . 15.97 5.21 -0.09
C6 FAD C . 17.20 5.84 0.04
C7 FAD C . 17.41 6.83 1.00
C7M FAD C . 18.76 7.49 1.09
C8 FAD C . 16.34 7.19 1.85
C8M FAD C . 16.55 8.26 2.89
C9 FAD C . 15.11 6.56 1.73
C9A FAD C . 14.92 5.56 0.77
N10 FAD C . 13.69 4.90 0.61
C10 FAD C . 13.53 3.93 -0.34
C1' FAD C . 12.55 5.21 1.49
C2' FAD C . 11.53 6.12 0.84
O2' FAD C . 12.18 7.29 0.34
C3' FAD C . 10.48 6.53 1.87
O3' FAD C . 9.92 5.36 2.47
C4' FAD C . 9.37 7.38 1.27
O4' FAD C . 9.90 8.38 0.40
C5' FAD C . 8.50 8.06 2.31
O5' FAD C . 7.48 8.80 1.61
P FAD C . 6.58 9.82 2.35
O1P FAD C . 6.40 9.40 3.81
O2P FAD C . 5.30 9.92 1.57
O3P FAD C . 7.33 11.21 2.30
C1 GOL D . 0.25 -0.24 3.66
O1 GOL D . -0.14 0.88 4.44
C2 GOL D . 0.03 0.04 2.17
O2 GOL D . 1.27 0.06 1.53
C3 GOL D . -0.83 -1.04 1.54
O3 GOL D . -1.43 -1.82 2.56
C1 PEG E . 23.70 8.27 -1.50
O1 PEG E . 24.46 9.41 -1.19
C2 PEG E . 22.60 8.11 -0.43
O2 PEG E . 23.05 8.75 0.74
C3 PEG E . 22.06 8.88 1.73
C4 PEG E . 22.48 7.97 2.88
O4 PEG E . 22.20 8.60 4.10
CA CA F . 4.93 32.04 1.71
C ACT G . 35.25 16.50 21.37
O ACT G . 35.59 17.50 20.68
OXT ACT G . 34.05 16.11 21.25
CH3 ACT G . 36.22 15.80 22.27
PA FAD H . -4.80 -10.09 -8.75
O1A FAD H . -6.15 -10.49 -8.30
O2A FAD H . -4.75 -8.79 -9.55
O5B FAD H . -4.09 -11.25 -9.48
C5B FAD H . -3.86 -12.51 -8.84
C4B FAD H . -3.18 -13.45 -9.80
O4B FAD H . -2.82 -14.68 -9.12
C3B FAD H . -4.00 -13.84 -11.04
O3B FAD H . -3.28 -13.72 -12.26
C2B FAD H . -4.29 -15.33 -10.82
O2B FAD H . -4.20 -16.00 -12.08
C1B FAD H . -3.14 -15.78 -9.94
N9A FAD H . -3.51 -16.90 -9.09
C8A FAD H . -4.67 -17.04 -8.38
N7A FAD H . -4.78 -18.19 -7.75
C5A FAD H . -3.63 -18.86 -8.09
C6A FAD H . -3.14 -20.13 -7.74
N6A FAD H . -3.78 -20.98 -6.94
N1A FAD H . -1.93 -20.51 -8.24
C2A FAD H . -1.28 -19.66 -9.03
N3A FAD H . -1.64 -18.43 -9.44
C4A FAD H . -2.83 -18.09 -8.92
N1 FAD H . -6.76 -1.17 -9.79
C2 FAD H . -6.11 0.03 -9.90
O2 FAD H . -5.42 0.49 -8.98
N3 FAD H . -6.25 0.78 -11.05
C4 FAD H . -7.00 0.44 -12.16
O4 FAD H . -7.02 1.19 -13.13
C4X FAD H . -7.69 -0.83 -12.04
N5 FAD H . -8.40 -1.26 -13.07
C5X FAD H . -9.06 -2.49 -12.94
C6 FAD H . -9.84 -2.95 -14.01
C7 FAD H . -10.51 -4.18 -13.93
C7M FAD H . -11.36 -4.63 -15.09
C8 FAD H . -10.39 -4.94 -12.76
C8M FAD H . -11.10 -6.27 -12.65
C9 FAD H . -9.62 -4.49 -11.71
C9A FAD H . -8.94 -3.28 -11.79
N10 FAD H . -8.17 -2.78 -10.72
C10 FAD H . -7.52 -1.57 -10.82
C1' FAD H . -8.01 -3.56 -9.48
C2' FAD H . -6.65 -4.22 -9.40
O2' FAD H . -6.44 -4.93 -10.62
C3' FAD H . -6.57 -5.13 -8.16
O3' FAD H . -6.86 -4.39 -6.98
C4' FAD H . -5.18 -5.75 -7.99
O4' FAD H . -4.68 -6.23 -9.24
C5' FAD H . -5.14 -6.87 -6.98
O5' FAD H . -3.83 -7.47 -7.02
P FAD H . -3.55 -8.86 -6.37
O1P FAD H . -2.04 -8.86 -6.13
O2P FAD H . -4.45 -9.07 -5.22
O3P FAD H . -3.83 -9.97 -7.50
C1 GOL I . 8.10 -10.93 -21.93
O1 GOL I . 9.20 -10.61 -22.77
C2 GOL I . 8.53 -11.59 -20.61
O2 GOL I . 9.80 -12.22 -20.78
C3 GOL I . 8.47 -10.55 -19.47
O3 GOL I . 8.96 -11.01 -18.21
CA CA J . -48.48 -9.09 -14.71
CA CA K . 0.75 -29.03 -14.24
#